data_9JFU
#
_entry.id   9JFU
#
_cell.length_a   1.00
_cell.length_b   1.00
_cell.length_c   1.00
_cell.angle_alpha   90.00
_cell.angle_beta   90.00
_cell.angle_gamma   90.00
#
_symmetry.space_group_name_H-M   'P 1'
#
loop_
_entity.id
_entity.type
_entity.pdbx_description
1 polymer 'Mbp-Anti-bril fab heavy chain'
2 polymer 'Anti-fab nanobody'
3 polymer 'Anti-bril fab light chain'
4 polymer 'G-protein coupled receptor 4,Soluble cytochrome b562'
5 non-polymer NE52-QQ57
#
loop_
_entity_poly.entity_id
_entity_poly.type
_entity_poly.pdbx_seq_one_letter_code
_entity_poly.pdbx_strand_id
1 'polypeptide(L)'
;EVQLVESGGGLVQPGGSLRLSCAASGFNVVDFSLHWVRQAPGKGLEWVAYISSSSGSTSYADSVKGRFTISADTSKNTAY
LQMNSLRAEDTAVYYCARWGYWPGEPWWKAFDYWGQGTLVTVSSASTKGPSVFPLAPSSKSTSGGTAALGCLVKDYFPEP
VTVSWNSGALTSGVHTFPAVLQSSGLYSLSSVVTVPSSSLGTQTYICNVNHKPSNTKVDKKVEPKSMKIEEGKLVIWING
DKGYNGLAEVGKKFEKDTGIKVTVEHPDKLEEKFPQVAATGDGPDIIFWAHDRFGGYAQSGLLAEITPDKAFQDKLYPFT
WDAVRYNGKLIAYPIAVEALSLIYNKDLLPNPPKTWEEIPALDKELKAKGKSALMFNLQEPYFTWPLIAADGGYAFKYEN
GKYDIKDVGVDNAGAKAGLTFLVDLIKNKHMNADTDYSIAEAAFNKGETAMTINGPWAWSNIDTSKVNYGVTVLPTFKGQ
PSKPFVGVLSAGINAASPNKELAKEFLENYLLTDEGLEAVNKDKPLGAVALKSYEEELAKDPRIAATMENAQKGEIMPNI
PQMSAFWYAVRTAVINAASGRQTVDEALKDAQTCDKTHENLYFQGHHHHHH
;
H
2 'polypeptide(L)'
;GSQVQLQESGGGLVQPGGSLRLSCAASGRTISRYAMSWFRQAPGKEREFVAVARRSGDGAFYADSVQGRFTVSRDDAKNT
VYLQMNSLKPEDTAVYYCAIDSDTFYSGSYDYWGQGTQVTVSS
;
K
3 'polypeptide(L)'
;SDIQMTQSPSSLSASVGDRVTITCRASQSVSSAVAWYQQKPGKAPKLLIYSASSLYSGVPSRFSGSRSGTDFTLTISSLQ
PEDFATYYCQQYLYYSLVTFGQGTKVEIKRTVAAPSVFIFPPSDSQLKSGTASVVCLLNNFYPREAKVQWKVDNALQSGN
SQESVTEQDSKDSTYSLSSTLTLSKADYEKHKVYACEVTHQGLSSPVTKSFNRG
;
L
4 'polypeptide(L)'
;MGNHTWEGCHVDSRVDHLFPPSLYIFVIGVGLPTNCLALWAAYRQVQQRNELGVYLMNLSIANLLYICTLPLWVDYFLHH
DNWIHGPGSCKLFGFIFYTNIYISIAFLCCISVDRYLAVAHPLRFARLRRVKTAVAVSSVVWATELGANSAPLFHDELFR
DRYNHTFCFEKFPMEGWVAWMNLYRVFVGFLFPWALMLLSYRGILRAVRGARRQLADLEDNWETLNDNLKVIEKADNAAQ
VKDALTKMRAAALDAQKATPPKLEDKSPDSPEMKDFRHGFDILVGQIDDALKLANEGKVKEAQAAAEQLKTTRNAYIQKY
LERARSTLQEKAKIKRLALSLIAIVLVCFAPYHVLLLSRSAIYLGRPWDCGFEERVFSAYHSSLAFTSLNCVADPILYCL
VNEGARSDVAKALHNLLRFLASDKPQEMANASLTLETPLTSKRNSTAKAMTGSWAATPPSQGDQVQEFLEVLFQGPHHHH
HHHHHH
;
R
#
# COMPACT_ATOMS: atom_id res chain seq x y z
N GLU A 1 -20.98 -13.82 -23.60
CA GLU A 1 -20.59 -12.51 -23.10
C GLU A 1 -20.60 -11.48 -24.22
N VAL A 2 -20.61 -10.20 -23.84
CA VAL A 2 -20.62 -9.13 -24.82
C VAL A 2 -19.22 -8.95 -25.40
N GLN A 3 -19.15 -8.58 -26.67
CA GLN A 3 -17.89 -8.46 -27.38
C GLN A 3 -17.94 -7.25 -28.29
N LEU A 4 -16.82 -6.55 -28.42
CA LEU A 4 -16.70 -5.35 -29.24
C LEU A 4 -15.70 -5.64 -30.36
N VAL A 5 -16.20 -5.68 -31.59
CA VAL A 5 -15.34 -5.96 -32.74
C VAL A 5 -15.05 -4.66 -33.47
N GLU A 6 -13.77 -4.42 -33.74
CA GLU A 6 -13.30 -3.20 -34.40
C GLU A 6 -12.97 -3.54 -35.86
N SER A 7 -13.80 -3.04 -36.77
CA SER A 7 -13.58 -3.21 -38.21
C SER A 7 -13.30 -1.85 -38.82
N GLY A 8 -12.02 -1.52 -38.97
CA GLY A 8 -11.64 -0.20 -39.45
C GLY A 8 -10.95 -0.21 -40.79
N GLY A 9 -9.65 0.07 -40.79
CA GLY A 9 -8.88 0.06 -42.02
C GLY A 9 -7.40 0.11 -41.74
N GLY A 10 -6.62 0.04 -42.81
CA GLY A 10 -5.18 0.15 -42.71
C GLY A 10 -4.59 0.76 -43.95
N LEU A 11 -3.38 1.32 -43.79
CA LEU A 11 -2.56 1.83 -44.88
C LEU A 11 -3.27 2.95 -45.65
N VAL A 12 -3.48 4.05 -44.94
CA VAL A 12 -3.93 5.30 -45.55
C VAL A 12 -2.70 6.16 -45.82
N GLN A 13 -2.82 7.06 -46.79
CA GLN A 13 -1.74 7.97 -47.13
C GLN A 13 -1.80 9.21 -46.24
N PRO A 14 -0.68 9.94 -46.12
CA PRO A 14 -0.71 11.17 -45.33
C PRO A 14 -1.73 12.15 -45.87
N GLY A 15 -2.48 12.78 -44.95
CA GLY A 15 -3.54 13.67 -45.36
C GLY A 15 -4.78 12.97 -45.89
N GLY A 16 -4.85 11.65 -45.79
CA GLY A 16 -5.97 10.90 -46.29
C GLY A 16 -7.14 10.93 -45.32
N SER A 17 -8.06 10.00 -45.54
CA SER A 17 -9.25 9.88 -44.70
C SER A 17 -9.49 8.41 -44.37
N LEU A 18 -10.19 8.18 -43.26
CA LEU A 18 -10.53 6.84 -42.83
C LEU A 18 -11.75 6.90 -41.92
N ARG A 19 -12.40 5.76 -41.76
CA ARG A 19 -13.56 5.64 -40.89
C ARG A 19 -13.55 4.29 -40.21
N LEU A 20 -13.61 4.29 -38.88
CA LEU A 20 -13.64 3.08 -38.09
C LEU A 20 -15.07 2.78 -37.65
N SER A 21 -15.31 1.53 -37.26
CA SER A 21 -16.65 1.07 -36.91
C SER A 21 -16.55 0.09 -35.76
N CYS A 22 -17.12 0.44 -34.61
CA CYS A 22 -17.05 -0.38 -33.40
C CYS A 22 -18.42 -1.02 -33.18
N ALA A 23 -18.62 -2.18 -33.80
CA ALA A 23 -19.85 -2.93 -33.60
C ALA A 23 -19.87 -3.55 -32.20
N ALA A 24 -21.05 -3.55 -31.58
CA ALA A 24 -21.24 -4.11 -30.26
C ALA A 24 -22.26 -5.23 -30.31
N SER A 25 -22.07 -6.22 -29.45
CA SER A 25 -22.98 -7.35 -29.37
C SER A 25 -23.47 -7.50 -27.93
N GLY A 26 -24.71 -7.97 -27.80
CA GLY A 26 -25.31 -8.19 -26.51
C GLY A 26 -26.00 -6.98 -25.93
N PHE A 27 -25.23 -6.00 -25.48
CA PHE A 27 -25.78 -4.83 -24.82
C PHE A 27 -26.25 -3.79 -25.83
N ASN A 28 -26.98 -2.79 -25.34
CA ASN A 28 -27.54 -1.73 -26.17
C ASN A 28 -26.76 -0.45 -25.93
N VAL A 29 -26.34 0.20 -27.02
CA VAL A 29 -25.56 1.42 -26.93
C VAL A 29 -26.35 2.54 -26.25
N VAL A 30 -27.68 2.45 -26.22
CA VAL A 30 -28.50 3.45 -25.55
C VAL A 30 -28.37 3.37 -24.04
N ASP A 31 -27.73 2.33 -23.51
CA ASP A 31 -27.56 2.18 -22.06
C ASP A 31 -26.15 2.53 -21.58
N PHE A 32 -25.17 2.55 -22.46
CA PHE A 32 -23.78 2.75 -22.07
C PHE A 32 -23.16 3.87 -22.88
N SER A 33 -21.94 4.24 -22.51
CA SER A 33 -21.15 5.23 -23.25
C SER A 33 -19.96 4.55 -23.90
N LEU A 34 -19.65 4.96 -25.13
CA LEU A 34 -18.57 4.38 -25.91
C LEU A 34 -17.41 5.37 -26.03
N HIS A 35 -16.22 4.91 -25.70
CA HIS A 35 -15.00 5.70 -25.75
C HIS A 35 -14.06 5.16 -26.82
N TRP A 36 -12.90 5.79 -26.97
CA TRP A 36 -11.86 5.30 -27.85
C TRP A 36 -10.51 5.41 -27.17
N VAL A 37 -9.71 4.35 -27.24
CA VAL A 37 -8.39 4.29 -26.64
C VAL A 37 -7.42 3.74 -27.68
N ARG A 38 -6.26 4.38 -27.84
CA ARG A 38 -5.28 3.97 -28.82
C ARG A 38 -3.92 3.79 -28.17
N GLN A 39 -3.12 2.88 -28.72
CA GLN A 39 -1.80 2.56 -28.20
C GLN A 39 -0.76 2.68 -29.31
N ALA A 40 0.23 3.54 -29.10
CA ALA A 40 1.30 3.72 -30.07
C ALA A 40 2.23 2.52 -30.05
N PRO A 41 3.04 2.34 -31.11
CA PRO A 41 3.95 1.18 -31.14
C PRO A 41 4.99 1.22 -30.03
N GLY A 42 4.91 0.26 -29.11
CA GLY A 42 5.84 0.23 -27.98
C GLY A 42 5.73 1.41 -27.06
N LYS A 43 4.52 1.87 -26.77
CA LYS A 43 4.29 3.04 -25.93
C LYS A 43 3.10 2.76 -25.02
N GLY A 44 2.60 3.82 -24.37
CA GLY A 44 1.50 3.69 -23.43
C GLY A 44 0.14 3.77 -24.13
N LEU A 45 -0.89 3.95 -23.30
CA LEU A 45 -2.25 4.06 -23.77
C LEU A 45 -2.73 5.51 -23.68
N GLU A 46 -3.57 5.91 -24.63
CA GLU A 46 -4.08 7.27 -24.70
C GLU A 46 -5.58 7.25 -24.92
N TRP A 47 -6.22 8.37 -24.59
CA TRP A 47 -7.65 8.56 -24.75
C TRP A 47 -7.92 9.40 -25.99
N VAL A 48 -9.02 9.10 -26.69
CA VAL A 48 -9.28 9.75 -27.97
C VAL A 48 -10.56 10.57 -27.94
N ALA A 49 -11.70 9.93 -27.73
CA ALA A 49 -12.98 10.62 -27.87
C ALA A 49 -14.05 9.90 -27.07
N TYR A 50 -15.20 10.55 -26.94
CA TYR A 50 -16.32 10.05 -26.14
C TYR A 50 -17.64 10.58 -26.68
N ILE A 51 -18.66 9.72 -26.68
CA ILE A 51 -20.00 10.07 -27.11
C ILE A 51 -21.01 9.51 -26.12
N SER A 52 -22.20 10.11 -26.12
CA SER A 52 -23.35 9.61 -25.38
C SER A 52 -24.56 9.69 -26.31
N SER A 53 -25.01 8.53 -26.79
CA SER A 53 -26.11 8.51 -27.75
C SER A 53 -27.39 9.05 -27.11
N SER A 54 -27.65 8.69 -25.86
CA SER A 54 -28.84 9.16 -25.17
C SER A 54 -28.83 10.67 -25.03
N SER A 55 -27.85 11.21 -24.30
CA SER A 55 -27.86 12.64 -24.02
C SER A 55 -27.49 13.45 -25.24
N GLY A 56 -26.49 13.00 -26.00
CA GLY A 56 -25.99 13.74 -27.14
C GLY A 56 -24.68 14.46 -26.92
N SER A 57 -24.24 14.59 -25.67
CA SER A 57 -22.98 15.26 -25.39
C SER A 57 -21.80 14.48 -25.94
N THR A 58 -20.81 15.21 -26.46
CA THR A 58 -19.63 14.61 -27.06
C THR A 58 -18.40 15.41 -26.64
N SER A 59 -17.30 14.70 -26.33
CA SER A 59 -16.06 15.33 -25.89
C SER A 59 -14.88 14.75 -26.65
N TYR A 60 -13.81 15.54 -26.75
CA TYR A 60 -12.65 15.17 -27.54
C TYR A 60 -11.38 15.46 -26.77
N ALA A 61 -10.31 14.77 -27.15
CA ALA A 61 -8.99 15.06 -26.61
C ALA A 61 -8.35 16.22 -27.36
N ASP A 62 -7.22 16.69 -26.83
CA ASP A 62 -6.60 17.89 -27.38
C ASP A 62 -6.11 17.68 -28.81
N SER A 63 -5.48 16.54 -29.09
CA SER A 63 -4.84 16.33 -30.37
C SER A 63 -5.82 15.92 -31.48
N VAL A 64 -7.08 15.63 -31.15
CA VAL A 64 -8.00 15.09 -32.14
C VAL A 64 -9.24 15.97 -32.26
N LYS A 65 -9.10 17.27 -32.02
CA LYS A 65 -10.22 18.19 -32.12
C LYS A 65 -10.22 18.84 -33.51
N GLY A 66 -11.38 18.82 -34.16
CA GLY A 66 -11.54 19.36 -35.48
C GLY A 66 -11.20 18.40 -36.59
N ARG A 67 -10.53 17.30 -36.29
CA ARG A 67 -10.14 16.31 -37.29
C ARG A 67 -10.90 15.00 -37.16
N PHE A 68 -11.44 14.70 -35.98
CA PHE A 68 -12.16 13.46 -35.73
C PHE A 68 -13.61 13.77 -35.40
N THR A 69 -14.52 12.89 -35.81
CA THR A 69 -15.94 13.04 -35.52
C THR A 69 -16.52 11.68 -35.15
N ILE A 70 -17.31 11.65 -34.08
CA ILE A 70 -17.85 10.40 -33.55
C ILE A 70 -19.37 10.50 -33.54
N SER A 71 -20.02 9.47 -34.09
CA SER A 71 -21.47 9.42 -34.16
C SER A 71 -21.92 8.00 -33.92
N ALA A 72 -22.81 7.81 -32.96
CA ALA A 72 -23.33 6.48 -32.62
C ALA A 72 -24.72 6.35 -33.21
N ASP A 73 -24.92 5.30 -34.00
CA ASP A 73 -26.17 5.08 -34.71
C ASP A 73 -27.00 4.05 -33.95
N THR A 74 -28.16 4.48 -33.44
CA THR A 74 -28.98 3.62 -32.61
C THR A 74 -29.54 2.45 -33.41
N SER A 75 -29.94 2.69 -34.66
CA SER A 75 -30.53 1.62 -35.47
C SER A 75 -29.53 0.50 -35.71
N LYS A 76 -28.28 0.84 -36.02
CA LYS A 76 -27.28 -0.18 -36.30
C LYS A 76 -26.50 -0.61 -35.06
N ASN A 77 -26.73 0.03 -33.92
CA ASN A 77 -26.07 -0.31 -32.67
C ASN A 77 -24.55 -0.22 -32.78
N THR A 78 -24.07 0.68 -33.62
CA THR A 78 -22.65 0.80 -33.92
C THR A 78 -22.19 2.24 -33.74
N ALA A 79 -21.04 2.41 -33.11
CA ALA A 79 -20.38 3.69 -33.05
C ALA A 79 -19.52 3.90 -34.28
N TYR A 80 -19.09 5.13 -34.49
CA TYR A 80 -18.24 5.47 -35.62
C TYR A 80 -17.22 6.51 -35.18
N LEU A 81 -16.15 6.62 -35.96
CA LEU A 81 -15.14 7.65 -35.76
C LEU A 81 -14.55 7.98 -37.12
N GLN A 82 -14.80 9.19 -37.58
CA GLN A 82 -14.29 9.66 -38.87
C GLN A 82 -12.93 10.31 -38.66
N MET A 83 -11.96 9.91 -39.46
CA MET A 83 -10.61 10.45 -39.39
C MET A 83 -10.33 11.31 -40.60
N ASN A 84 -9.85 12.52 -40.37
CA ASN A 84 -9.48 13.43 -41.45
C ASN A 84 -8.18 14.14 -41.11
N SER A 85 -7.46 14.56 -42.14
CA SER A 85 -6.17 15.24 -41.98
C SER A 85 -5.21 14.39 -41.16
N LEU A 86 -5.06 13.13 -41.57
CA LEU A 86 -4.22 12.19 -40.83
C LEU A 86 -2.75 12.50 -41.05
N ARG A 87 -1.99 12.50 -39.95
CA ARG A 87 -0.54 12.62 -40.01
C ARG A 87 0.09 11.29 -39.59
N ALA A 88 1.42 11.27 -39.52
CA ALA A 88 2.14 10.05 -39.21
C ALA A 88 2.23 9.75 -37.72
N GLU A 89 1.80 10.67 -36.86
CA GLU A 89 1.80 10.44 -35.42
C GLU A 89 0.61 9.59 -34.97
N ASP A 90 -0.32 9.28 -35.88
CA ASP A 90 -1.51 8.51 -35.54
C ASP A 90 -1.36 7.03 -35.84
N THR A 91 -0.17 6.59 -36.24
CA THR A 91 0.08 5.17 -36.48
C THR A 91 0.05 4.43 -35.15
N ALA A 92 -1.00 3.65 -34.91
CA ALA A 92 -1.22 3.02 -33.62
C ALA A 92 -2.24 1.91 -33.79
N VAL A 93 -2.59 1.27 -32.68
CA VAL A 93 -3.65 0.28 -32.62
C VAL A 93 -4.81 0.88 -31.83
N TYR A 94 -5.98 0.92 -32.45
CA TYR A 94 -7.12 1.64 -31.90
C TYR A 94 -8.09 0.68 -31.23
N TYR A 95 -8.43 0.96 -29.98
CA TYR A 95 -9.37 0.18 -29.21
C TYR A 95 -10.63 0.99 -28.92
N CYS A 96 -11.73 0.27 -28.71
CA CYS A 96 -13.03 0.85 -28.45
C CYS A 96 -13.52 0.32 -27.11
N ALA A 97 -13.79 1.23 -26.18
CA ALA A 97 -14.09 0.89 -24.81
C ALA A 97 -15.59 0.97 -24.54
N ARG A 98 -15.96 0.85 -23.27
CA ARG A 98 -17.35 0.64 -22.86
C ARG A 98 -17.47 0.99 -21.39
N TRP A 99 -18.33 1.97 -21.08
CA TRP A 99 -18.41 2.52 -19.74
C TRP A 99 -19.87 2.83 -19.42
N GLY A 100 -20.27 2.56 -18.17
CA GLY A 100 -21.66 2.62 -17.78
C GLY A 100 -22.08 4.00 -17.29
N TYR A 101 -23.31 4.05 -16.78
CA TYR A 101 -23.92 5.28 -16.31
C TYR A 101 -23.81 5.41 -14.80
N TRP A 102 -24.23 6.56 -14.30
CA TRP A 102 -23.84 6.98 -12.96
C TRP A 102 -24.63 6.28 -11.85
N PRO A 103 -25.97 6.14 -11.93
CA PRO A 103 -26.68 5.42 -10.88
C PRO A 103 -26.08 4.06 -10.55
N GLY A 104 -25.51 3.91 -9.37
CA GLY A 104 -25.13 2.61 -8.88
C GLY A 104 -23.78 2.11 -9.33
N GLU A 105 -23.64 0.78 -9.24
CA GLU A 105 -22.37 0.14 -9.54
C GLU A 105 -21.81 0.39 -10.94
N PRO A 106 -22.63 0.38 -12.04
CA PRO A 106 -22.06 0.52 -13.39
C PRO A 106 -20.97 1.57 -13.57
N TRP A 107 -21.04 2.67 -12.83
CA TRP A 107 -20.05 3.72 -13.00
C TRP A 107 -18.72 3.35 -12.36
N TRP A 108 -18.74 2.52 -11.33
CA TRP A 108 -17.53 2.21 -10.58
C TRP A 108 -16.75 1.03 -11.13
N LYS A 109 -17.19 0.44 -12.24
CA LYS A 109 -16.49 -0.70 -12.83
C LYS A 109 -15.51 -0.31 -13.92
N ALA A 110 -15.71 0.84 -14.56
CA ALA A 110 -14.78 1.41 -15.54
C ALA A 110 -14.74 0.51 -16.78
N PHE A 111 -13.60 0.47 -17.47
CA PHE A 111 -13.48 -0.17 -18.78
C PHE A 111 -13.42 -1.68 -18.59
N ASP A 112 -14.58 -2.25 -18.29
CA ASP A 112 -14.66 -3.69 -18.02
C ASP A 112 -14.57 -4.51 -19.30
N TYR A 113 -14.83 -3.90 -20.46
CA TYR A 113 -14.82 -4.62 -21.73
C TYR A 113 -14.15 -3.79 -22.80
N TRP A 114 -13.22 -4.39 -23.52
CA TRP A 114 -12.50 -3.78 -24.64
C TRP A 114 -12.83 -4.53 -25.92
N GLY A 115 -12.23 -4.07 -27.02
CA GLY A 115 -12.28 -4.75 -28.29
C GLY A 115 -11.04 -5.59 -28.54
N GLN A 116 -10.76 -5.83 -29.81
CA GLN A 116 -9.58 -6.58 -30.21
C GLN A 116 -8.42 -5.67 -30.58
N GLY A 117 -8.65 -4.76 -31.52
CA GLY A 117 -7.64 -3.82 -31.97
C GLY A 117 -7.61 -3.73 -33.48
N THR A 118 -7.44 -2.51 -33.99
CA THR A 118 -7.30 -2.26 -35.41
C THR A 118 -6.05 -1.43 -35.64
N LEU A 119 -5.35 -1.70 -36.74
CA LEU A 119 -4.04 -1.13 -37.01
C LEU A 119 -4.14 -0.15 -38.17
N VAL A 120 -3.67 1.07 -37.95
CA VAL A 120 -3.71 2.13 -38.95
C VAL A 120 -2.27 2.54 -39.24
N THR A 121 -1.89 2.54 -40.52
CA THR A 121 -0.53 2.86 -40.93
C THR A 121 -0.59 4.05 -41.88
N VAL A 122 -0.09 5.20 -41.44
CA VAL A 122 -0.03 6.41 -42.25
C VAL A 122 1.36 6.50 -42.84
N SER A 123 1.48 6.21 -44.13
CA SER A 123 2.78 6.15 -44.78
C SER A 123 2.65 6.60 -46.23
N SER A 124 3.76 7.08 -46.78
CA SER A 124 3.85 7.51 -48.16
C SER A 124 4.83 6.65 -48.94
N ALA A 125 4.79 5.35 -48.71
CA ALA A 125 5.67 4.40 -49.38
C ALA A 125 4.85 3.52 -50.33
N SER A 126 5.53 2.53 -50.91
CA SER A 126 4.91 1.64 -51.87
C SER A 126 5.46 0.23 -51.68
N THR A 127 4.86 -0.73 -52.37
CA THR A 127 5.26 -2.12 -52.25
C THR A 127 6.67 -2.32 -52.81
N LYS A 128 7.49 -3.09 -52.08
CA LYS A 128 8.88 -3.29 -52.43
C LYS A 128 9.31 -4.67 -51.96
N GLY A 129 10.38 -5.19 -52.58
CA GLY A 129 10.94 -6.46 -52.18
C GLY A 129 12.29 -6.31 -51.54
N PRO A 130 12.67 -7.27 -50.71
CA PRO A 130 13.92 -7.15 -49.95
C PRO A 130 15.14 -7.51 -50.79
N SER A 131 16.30 -7.16 -50.24
CA SER A 131 17.60 -7.53 -50.80
C SER A 131 18.41 -8.21 -49.72
N VAL A 132 19.00 -9.36 -50.04
CA VAL A 132 19.66 -10.22 -49.08
C VAL A 132 21.17 -10.16 -49.31
N PHE A 133 21.92 -9.92 -48.24
CA PHE A 133 23.37 -9.87 -48.29
C PHE A 133 23.96 -10.79 -47.24
N PRO A 134 25.12 -11.40 -47.51
CA PRO A 134 25.71 -12.33 -46.55
C PRO A 134 26.55 -11.62 -45.51
N LEU A 135 26.71 -12.30 -44.38
CA LEU A 135 27.56 -11.84 -43.28
C LEU A 135 28.64 -12.91 -43.09
N ALA A 136 29.78 -12.69 -43.74
CA ALA A 136 30.80 -13.73 -43.83
C ALA A 136 31.42 -14.01 -42.47
N PRO A 137 31.73 -15.27 -42.17
CA PRO A 137 32.44 -15.57 -40.93
C PRO A 137 33.88 -15.06 -40.97
N SER A 138 34.42 -14.81 -39.79
CA SER A 138 35.78 -14.32 -39.65
C SER A 138 36.71 -15.51 -39.41
N SER A 139 37.65 -15.71 -40.33
CA SER A 139 38.61 -16.79 -40.18
C SER A 139 39.66 -16.47 -39.13
N LYS A 140 40.18 -15.24 -39.12
CA LYS A 140 41.25 -14.88 -38.21
C LYS A 140 40.75 -14.80 -36.76
N SER A 141 39.63 -14.14 -36.54
CA SER A 141 39.09 -13.94 -35.21
C SER A 141 37.94 -14.92 -34.95
N THR A 142 37.58 -15.04 -33.66
CA THR A 142 36.52 -15.94 -33.22
C THR A 142 36.76 -17.37 -33.72
N SER A 143 38.01 -17.80 -33.65
CA SER A 143 38.42 -19.12 -34.11
C SER A 143 38.85 -19.98 -32.93
N GLY A 144 38.42 -21.24 -32.94
CA GLY A 144 38.73 -22.17 -31.87
C GLY A 144 37.58 -22.42 -30.92
N GLY A 145 36.57 -21.56 -30.91
CA GLY A 145 35.41 -21.77 -30.07
C GLY A 145 34.16 -22.07 -30.88
N THR A 146 33.29 -21.06 -31.02
CA THR A 146 32.10 -21.18 -31.85
C THR A 146 32.05 -19.99 -32.80
N ALA A 147 31.71 -20.26 -34.05
CA ALA A 147 31.62 -19.22 -35.07
C ALA A 147 30.16 -18.91 -35.37
N ALA A 148 29.89 -17.69 -35.81
CA ALA A 148 28.55 -17.23 -36.10
C ALA A 148 28.48 -16.71 -37.54
N LEU A 149 27.32 -16.91 -38.16
CA LEU A 149 27.05 -16.41 -39.50
C LEU A 149 25.80 -15.55 -39.48
N GLY A 150 25.29 -15.16 -40.64
CA GLY A 150 24.06 -14.38 -40.69
C GLY A 150 23.60 -14.14 -42.11
N CYS A 151 22.38 -13.63 -42.21
CA CYS A 151 21.74 -13.33 -43.49
C CYS A 151 20.98 -12.01 -43.33
N LEU A 152 21.44 -10.97 -44.03
CA LEU A 152 20.87 -9.63 -43.91
C LEU A 152 19.66 -9.47 -44.82
N VAL A 153 18.68 -8.70 -44.33
CA VAL A 153 17.48 -8.37 -45.09
C VAL A 153 17.29 -6.86 -45.02
N LYS A 154 17.05 -6.23 -46.17
CA LYS A 154 16.96 -4.78 -46.22
C LYS A 154 15.94 -4.32 -47.25
N ASP A 155 15.38 -3.13 -47.02
CA ASP A 155 14.56 -2.39 -47.98
C ASP A 155 13.31 -3.18 -48.38
N TYR A 156 12.44 -3.38 -47.39
CA TYR A 156 11.10 -3.88 -47.61
C TYR A 156 10.10 -2.98 -46.89
N PHE A 157 9.05 -2.55 -47.61
CA PHE A 157 8.08 -1.67 -46.98
C PHE A 157 7.09 -2.44 -46.10
N PRO A 158 6.36 -3.43 -46.62
CA PRO A 158 5.43 -4.16 -45.74
C PRO A 158 6.17 -4.89 -44.64
N GLU A 159 5.58 -4.88 -43.44
CA GLU A 159 6.29 -5.37 -42.26
C GLU A 159 6.64 -6.85 -42.30
N PRO A 160 5.72 -7.78 -42.60
CA PRO A 160 6.01 -9.19 -42.34
C PRO A 160 7.01 -9.79 -43.32
N VAL A 161 8.15 -10.23 -42.79
CA VAL A 161 9.11 -11.06 -43.52
C VAL A 161 9.55 -12.19 -42.59
N THR A 162 9.65 -13.40 -43.13
CA THR A 162 9.99 -14.59 -42.36
C THR A 162 11.30 -15.17 -42.84
N VAL A 163 12.18 -15.51 -41.90
CA VAL A 163 13.51 -16.02 -42.20
C VAL A 163 13.68 -17.37 -41.51
N SER A 164 14.21 -18.34 -42.25
CA SER A 164 14.49 -19.67 -41.71
C SER A 164 15.77 -20.19 -42.34
N TRP A 165 16.40 -21.14 -41.66
CA TRP A 165 17.71 -21.64 -42.04
C TRP A 165 17.65 -23.11 -42.39
N ASN A 166 18.35 -23.49 -43.46
CA ASN A 166 18.46 -24.89 -43.91
C ASN A 166 17.08 -25.50 -44.14
N SER A 167 16.20 -24.72 -44.79
CA SER A 167 14.84 -25.16 -45.10
C SER A 167 14.10 -25.61 -43.85
N GLY A 168 14.27 -24.86 -42.77
CA GLY A 168 13.60 -25.18 -41.51
C GLY A 168 14.06 -26.46 -40.85
N ALA A 169 15.36 -26.76 -40.94
CA ALA A 169 15.91 -27.94 -40.29
C ALA A 169 16.87 -27.62 -39.15
N LEU A 170 17.53 -26.46 -39.18
CA LEU A 170 18.43 -26.02 -38.13
C LEU A 170 17.71 -25.03 -37.24
N THR A 171 17.55 -25.39 -35.97
CA THR A 171 16.81 -24.54 -35.04
C THR A 171 17.52 -24.43 -33.70
N SER A 172 18.85 -24.44 -33.71
CA SER A 172 19.64 -24.26 -32.50
C SER A 172 20.56 -23.06 -32.68
N GLY A 173 20.27 -21.98 -31.96
CA GLY A 173 21.13 -20.80 -32.00
C GLY A 173 20.79 -19.77 -33.06
N VAL A 174 19.51 -19.60 -33.38
CA VAL A 174 19.09 -18.64 -34.40
C VAL A 174 18.40 -17.48 -33.69
N HIS A 175 18.93 -16.27 -33.87
CA HIS A 175 18.35 -15.06 -33.32
C HIS A 175 17.93 -14.14 -34.46
N THR A 176 16.66 -13.78 -34.49
CA THR A 176 16.12 -12.88 -35.51
C THR A 176 15.60 -11.61 -34.84
N PHE A 177 16.05 -10.47 -35.32
CA PHE A 177 15.80 -9.22 -34.61
C PHE A 177 14.58 -8.50 -35.17
N PRO A 178 13.93 -7.67 -34.35
CA PRO A 178 12.76 -6.92 -34.82
C PRO A 178 13.12 -5.93 -35.91
N ALA A 179 12.14 -5.66 -36.78
CA ALA A 179 12.33 -4.69 -37.85
C ALA A 179 12.45 -3.28 -37.30
N VAL A 180 13.18 -2.44 -38.01
CA VAL A 180 13.45 -1.07 -37.61
C VAL A 180 13.05 -0.14 -38.75
N LEU A 181 12.26 0.88 -38.44
CA LEU A 181 11.77 1.82 -39.44
C LEU A 181 12.85 2.87 -39.68
N GLN A 182 13.69 2.65 -40.68
CA GLN A 182 14.75 3.59 -40.97
C GLN A 182 14.20 4.81 -41.71
N SER A 183 15.03 5.84 -41.81
CA SER A 183 14.64 7.06 -42.50
C SER A 183 14.36 6.76 -43.96
N SER A 184 13.53 7.63 -44.56
CA SER A 184 13.06 7.45 -45.94
C SER A 184 12.28 6.14 -46.10
N GLY A 185 11.56 5.74 -45.06
CA GLY A 185 10.72 4.57 -45.13
C GLY A 185 11.49 3.26 -45.13
N LEU A 186 10.77 2.20 -45.48
CA LEU A 186 11.30 0.85 -45.56
C LEU A 186 11.76 0.34 -44.20
N TYR A 187 12.24 -0.90 -44.14
CA TYR A 187 12.60 -1.54 -42.88
C TYR A 187 13.91 -2.29 -43.06
N SER A 188 14.31 -3.02 -42.00
CA SER A 188 15.54 -3.80 -42.02
C SER A 188 15.46 -4.87 -40.93
N LEU A 189 16.09 -6.01 -41.21
CA LEU A 189 16.07 -7.15 -40.32
C LEU A 189 17.39 -7.91 -40.48
N SER A 190 17.73 -8.69 -39.46
CA SER A 190 18.92 -9.52 -39.51
C SER A 190 18.70 -10.81 -38.74
N SER A 191 19.48 -11.84 -39.08
CA SER A 191 19.45 -13.12 -38.39
C SER A 191 20.88 -13.63 -38.22
N VAL A 192 21.07 -14.52 -37.27
CA VAL A 192 22.38 -15.07 -36.95
C VAL A 192 22.25 -16.53 -36.54
N VAL A 193 23.25 -17.35 -36.89
CA VAL A 193 23.31 -18.75 -36.50
C VAL A 193 24.69 -19.01 -35.90
N THR A 194 24.74 -19.82 -34.85
CA THR A 194 25.99 -20.12 -34.16
C THR A 194 26.26 -21.62 -34.24
N VAL A 195 27.46 -21.98 -34.71
CA VAL A 195 27.83 -23.37 -34.92
C VAL A 195 29.29 -23.56 -34.54
N PRO A 196 29.68 -24.80 -34.20
CA PRO A 196 31.08 -25.07 -33.87
C PRO A 196 32.00 -24.81 -35.05
N SER A 197 33.25 -24.48 -34.74
CA SER A 197 34.22 -24.10 -35.76
C SER A 197 34.55 -25.27 -36.69
N SER A 198 34.69 -26.47 -36.11
CA SER A 198 35.08 -27.63 -36.92
C SER A 198 34.01 -27.98 -37.95
N SER A 199 32.77 -27.58 -37.71
CA SER A 199 31.67 -27.87 -38.63
C SER A 199 31.57 -26.85 -39.75
N LEU A 200 32.41 -25.81 -39.77
CA LEU A 200 32.32 -24.78 -40.80
C LEU A 200 32.62 -25.34 -42.18
N GLY A 201 33.68 -26.14 -42.29
CA GLY A 201 34.12 -26.67 -43.57
C GLY A 201 33.50 -27.99 -43.99
N THR A 202 32.54 -28.51 -43.23
CA THR A 202 31.94 -29.81 -43.51
C THR A 202 30.50 -29.71 -44.01
N GLN A 203 29.69 -28.88 -43.38
CA GLN A 203 28.28 -28.75 -43.72
C GLN A 203 27.98 -27.30 -44.11
N THR A 204 27.25 -27.14 -45.22
CA THR A 204 26.91 -25.81 -45.71
C THR A 204 25.64 -25.30 -45.05
N TYR A 205 25.45 -23.99 -45.12
CA TYR A 205 24.29 -23.32 -44.51
C TYR A 205 23.67 -22.40 -45.54
N ILE A 206 22.34 -22.48 -45.69
CA ILE A 206 21.59 -21.66 -46.63
C ILE A 206 20.49 -20.93 -45.86
N CYS A 207 20.39 -19.62 -46.08
CA CYS A 207 19.35 -18.81 -45.49
C CYS A 207 18.24 -18.61 -46.51
N ASN A 208 17.01 -18.98 -46.15
CA ASN A 208 15.86 -18.90 -47.04
C ASN A 208 14.92 -17.82 -46.51
N VAL A 209 14.66 -16.81 -47.35
CA VAL A 209 13.77 -15.72 -46.99
C VAL A 209 12.76 -15.53 -48.11
N ASN A 210 11.64 -14.90 -47.77
CA ASN A 210 10.58 -14.65 -48.75
C ASN A 210 9.73 -13.49 -48.28
N HIS A 211 9.28 -12.68 -49.23
CA HIS A 211 8.38 -11.57 -48.97
C HIS A 211 7.02 -11.88 -49.62
N LYS A 212 5.96 -11.83 -48.82
CA LYS A 212 4.63 -12.16 -49.32
C LYS A 212 4.03 -11.04 -50.15
N PRO A 213 4.01 -9.79 -49.70
CA PRO A 213 3.40 -8.73 -50.52
C PRO A 213 4.17 -8.39 -51.79
N SER A 214 5.31 -9.03 -52.05
CA SER A 214 6.07 -8.76 -53.27
C SER A 214 6.55 -10.00 -54.01
N ASN A 215 6.51 -11.19 -53.39
CA ASN A 215 6.91 -12.44 -54.03
C ASN A 215 8.36 -12.39 -54.52
N THR A 216 9.28 -12.22 -53.57
CA THR A 216 10.69 -12.14 -53.90
C THR A 216 11.39 -13.50 -53.81
N LYS A 217 11.40 -14.10 -52.62
CA LYS A 217 11.99 -15.42 -52.39
C LYS A 217 13.44 -15.48 -52.88
N VAL A 218 14.29 -14.68 -52.25
CA VAL A 218 15.70 -14.59 -52.61
C VAL A 218 16.51 -15.44 -51.64
N ASP A 219 17.43 -16.25 -52.18
CA ASP A 219 18.29 -17.10 -51.38
C ASP A 219 19.75 -16.78 -51.64
N LYS A 220 20.55 -16.78 -50.57
CA LYS A 220 21.99 -16.58 -50.66
C LYS A 220 22.68 -17.56 -49.73
N LYS A 221 23.94 -17.86 -50.04
CA LYS A 221 24.75 -18.76 -49.24
C LYS A 221 25.75 -17.99 -48.39
N VAL A 222 26.18 -18.62 -47.30
CA VAL A 222 27.06 -17.97 -46.33
C VAL A 222 28.34 -18.78 -46.18
N GLU A 223 28.78 -19.42 -47.25
CA GLU A 223 30.01 -20.19 -47.21
C GLU A 223 31.19 -19.28 -46.84
N PRO A 224 32.17 -19.77 -46.09
CA PRO A 224 33.30 -18.92 -45.72
C PRO A 224 34.16 -18.57 -46.93
N LYS A 225 34.81 -17.42 -46.85
CA LYS A 225 35.67 -16.95 -47.92
C LYS A 225 37.14 -17.18 -47.57
N GLN B 3 37.31 11.93 -6.61
CA GLN B 3 36.82 11.60 -5.28
C GLN B 3 36.88 10.10 -5.03
N VAL B 4 38.09 9.57 -4.87
CA VAL B 4 38.29 8.16 -4.58
C VAL B 4 38.40 7.98 -3.07
N GLN B 5 37.50 7.19 -2.49
CA GLN B 5 37.46 6.95 -1.06
C GLN B 5 37.35 5.48 -0.71
N LEU B 6 37.44 4.58 -1.69
CA LEU B 6 37.14 3.18 -1.45
C LEU B 6 38.20 2.53 -0.56
N GLN B 7 37.74 1.82 0.47
CA GLN B 7 38.62 1.10 1.38
C GLN B 7 38.01 -0.25 1.70
N GLU B 8 38.85 -1.24 1.96
CA GLU B 8 38.42 -2.60 2.24
C GLU B 8 38.88 -3.01 3.64
N SER B 9 37.97 -3.62 4.41
CA SER B 9 38.28 -4.07 5.76
C SER B 9 38.03 -5.57 5.85
N GLY B 10 39.08 -6.35 5.65
CA GLY B 10 38.99 -7.79 5.77
C GLY B 10 40.27 -8.46 5.33
N GLY B 11 40.37 -9.74 5.66
CA GLY B 11 41.54 -10.54 5.33
C GLY B 11 41.88 -11.55 6.40
N GLY B 12 42.13 -12.79 6.01
CA GLY B 12 42.39 -13.83 6.99
C GLY B 12 42.77 -15.13 6.33
N LEU B 13 43.10 -16.11 7.18
CA LEU B 13 43.54 -17.43 6.74
C LEU B 13 42.54 -18.49 7.19
N VAL B 14 41.25 -18.24 6.99
CA VAL B 14 40.22 -19.13 7.51
C VAL B 14 40.36 -20.51 6.90
N GLN B 15 40.36 -21.53 7.75
CA GLN B 15 40.38 -22.92 7.33
C GLN B 15 39.01 -23.30 6.80
N PRO B 16 38.89 -24.45 6.11
CA PRO B 16 37.62 -24.80 5.47
C PRO B 16 36.42 -24.61 6.39
N GLY B 17 35.29 -24.27 5.80
CA GLY B 17 34.18 -23.74 6.57
C GLY B 17 34.50 -22.32 7.00
N GLY B 18 33.71 -21.84 7.96
CA GLY B 18 33.93 -20.51 8.49
C GLY B 18 33.46 -19.42 7.54
N SER B 19 33.76 -18.18 7.92
CA SER B 19 33.31 -17.01 7.18
C SER B 19 34.32 -15.89 7.34
N LEU B 20 34.24 -14.92 6.42
CA LEU B 20 35.11 -13.74 6.50
C LEU B 20 34.30 -12.55 5.98
N ARG B 21 33.78 -11.74 6.90
CA ARG B 21 33.02 -10.55 6.51
C ARG B 21 33.93 -9.53 5.86
N LEU B 22 33.44 -8.91 4.78
CA LEU B 22 34.17 -7.88 4.05
C LEU B 22 33.33 -6.62 3.98
N SER B 23 33.97 -5.47 4.14
CA SER B 23 33.28 -4.19 4.15
C SER B 23 34.04 -3.17 3.31
N CYS B 24 33.33 -2.59 2.34
CA CYS B 24 33.85 -1.47 1.53
C CYS B 24 33.31 -0.19 2.14
N ALA B 25 34.23 0.69 2.54
CA ALA B 25 33.88 1.98 3.14
C ALA B 25 34.30 3.10 2.20
N ALA B 26 33.38 4.03 1.95
CA ALA B 26 33.61 5.15 1.06
C ALA B 26 33.02 6.41 1.66
N SER B 27 33.59 7.55 1.28
CA SER B 27 33.14 8.86 1.76
C SER B 27 32.84 9.79 0.60
N GLY B 28 32.53 9.24 -0.57
CA GLY B 28 32.16 10.06 -1.70
C GLY B 28 30.76 10.64 -1.61
N ARG B 29 29.95 10.11 -0.69
CA ARG B 29 28.63 10.66 -0.35
C ARG B 29 27.62 10.40 -1.46
N THR B 30 28.10 9.89 -2.60
CA THR B 30 27.23 9.54 -3.72
C THR B 30 26.95 8.05 -3.78
N ILE B 31 27.29 7.32 -2.71
CA ILE B 31 27.03 5.88 -2.66
C ILE B 31 25.53 5.61 -2.74
N SER B 32 24.71 6.59 -2.37
CA SER B 32 23.26 6.44 -2.40
C SER B 32 22.66 6.76 -3.75
N ARG B 33 23.45 6.75 -4.83
CA ARG B 33 22.94 7.09 -6.14
C ARG B 33 23.26 6.03 -7.19
N TYR B 34 24.40 5.35 -7.05
CA TYR B 34 24.76 4.32 -8.02
C TYR B 34 25.22 3.02 -7.37
N ALA B 35 25.73 2.09 -8.17
CA ALA B 35 25.89 0.69 -7.78
C ALA B 35 27.32 0.35 -7.39
N MET B 36 27.46 -0.72 -6.63
CA MET B 36 28.73 -1.30 -6.22
C MET B 36 29.05 -2.52 -7.09
N SER B 37 30.27 -3.04 -6.92
CA SER B 37 30.64 -4.30 -7.57
C SER B 37 31.84 -4.90 -6.86
N TRP B 38 31.85 -6.23 -6.81
CA TRP B 38 32.89 -7.03 -6.18
C TRP B 38 33.63 -7.83 -7.24
N PHE B 39 34.95 -7.91 -7.11
CA PHE B 39 35.75 -8.66 -8.06
C PHE B 39 36.82 -9.46 -7.33
N ARG B 40 37.27 -10.54 -7.96
CA ARG B 40 38.27 -11.40 -7.33
C ARG B 40 39.27 -11.87 -8.37
N GLN B 41 40.50 -12.05 -7.93
CA GLN B 41 41.57 -12.57 -8.78
C GLN B 41 41.95 -13.93 -8.23
N ALA B 42 41.85 -14.95 -9.08
CA ALA B 42 42.00 -16.36 -8.73
C ALA B 42 43.40 -16.85 -9.08
N PRO B 43 43.76 -18.10 -8.78
CA PRO B 43 45.05 -18.63 -9.28
C PRO B 43 45.23 -18.47 -10.78
N GLY B 44 44.17 -18.65 -11.57
CA GLY B 44 44.21 -18.23 -12.95
C GLY B 44 44.26 -16.71 -13.03
N LYS B 45 45.30 -16.19 -13.67
CA LYS B 45 45.59 -14.75 -13.64
C LYS B 45 44.56 -14.02 -14.48
N GLU B 46 43.41 -13.72 -13.87
CA GLU B 46 42.31 -13.07 -14.55
C GLU B 46 41.31 -12.57 -13.50
N ARG B 47 40.79 -11.38 -13.71
CA ARG B 47 39.80 -10.82 -12.80
C ARG B 47 38.41 -11.35 -13.14
N GLU B 48 37.67 -11.72 -12.10
CA GLU B 48 36.34 -12.29 -12.26
C GLU B 48 35.35 -11.51 -11.40
N PHE B 49 34.08 -11.57 -11.82
CA PHE B 49 33.00 -10.84 -11.17
C PHE B 49 32.35 -11.73 -10.10
N VAL B 50 32.05 -11.14 -8.94
CA VAL B 50 31.50 -11.89 -7.80
C VAL B 50 30.04 -11.51 -7.55
N ALA B 51 29.77 -10.24 -7.25
CA ALA B 51 28.41 -9.83 -6.95
C ALA B 51 28.28 -8.33 -7.16
N VAL B 52 27.06 -7.89 -7.45
CA VAL B 52 26.78 -6.48 -7.70
C VAL B 52 25.53 -6.08 -6.93
N ALA B 53 25.58 -4.91 -6.31
CA ALA B 53 24.44 -4.32 -5.63
C ALA B 53 24.09 -3.00 -6.29
N ARG B 54 22.85 -2.88 -6.78
CA ARG B 54 22.36 -1.68 -7.43
C ARG B 54 21.69 -0.78 -6.39
N ARG B 55 20.94 0.22 -6.85
CA ARG B 55 20.26 1.14 -5.94
C ARG B 55 19.24 0.40 -5.09
N SER B 56 18.69 1.13 -4.11
CA SER B 56 17.70 0.54 -3.22
C SER B 56 16.47 0.13 -4.01
N GLY B 57 16.03 -1.12 -3.79
CA GLY B 57 14.89 -1.67 -4.48
C GLY B 57 15.21 -2.25 -5.84
N ASP B 58 16.37 -1.92 -6.40
CA ASP B 58 16.75 -2.47 -7.69
C ASP B 58 17.20 -3.92 -7.57
N GLY B 59 17.84 -4.26 -6.46
CA GLY B 59 18.21 -5.63 -6.17
C GLY B 59 19.70 -5.87 -6.29
N ALA B 60 20.07 -7.09 -5.94
CA ALA B 60 21.46 -7.54 -5.99
C ALA B 60 21.57 -8.78 -6.88
N PHE B 61 22.60 -8.81 -7.71
CA PHE B 61 22.81 -9.87 -8.69
C PHE B 61 24.11 -10.60 -8.38
N TYR B 62 24.07 -11.93 -8.44
CA TYR B 62 25.21 -12.75 -8.08
C TYR B 62 25.74 -13.48 -9.32
N ALA B 63 26.74 -14.33 -9.09
CA ALA B 63 27.43 -15.04 -10.16
C ALA B 63 27.32 -16.55 -9.93
N ASP B 64 28.03 -17.32 -10.74
CA ASP B 64 27.97 -18.77 -10.72
C ASP B 64 28.96 -19.41 -9.75
N SER B 65 29.75 -18.62 -9.03
CA SER B 65 30.66 -19.15 -8.02
C SER B 65 30.32 -18.67 -6.62
N VAL B 66 29.27 -17.88 -6.47
CA VAL B 66 28.91 -17.31 -5.18
C VAL B 66 27.42 -17.51 -4.93
N GLN B 67 26.78 -18.34 -5.75
CA GLN B 67 25.33 -18.46 -5.70
C GLN B 67 24.90 -19.17 -4.42
N GLY B 68 24.26 -18.43 -3.52
CA GLY B 68 23.80 -18.98 -2.26
C GLY B 68 24.87 -19.11 -1.21
N ARG B 69 26.06 -18.57 -1.44
CA ARG B 69 27.15 -18.67 -0.48
C ARG B 69 27.66 -17.30 -0.11
N PHE B 70 27.50 -16.34 -1.02
CA PHE B 70 27.88 -14.95 -0.79
C PHE B 70 26.61 -14.10 -0.75
N THR B 71 26.59 -13.14 0.15
CA THR B 71 25.46 -12.22 0.27
C THR B 71 25.99 -10.79 0.37
N VAL B 72 25.45 -9.89 -0.46
CA VAL B 72 25.87 -8.50 -0.50
C VAL B 72 24.76 -7.64 0.09
N SER B 73 25.13 -6.75 1.01
CA SER B 73 24.20 -5.88 1.70
C SER B 73 24.57 -4.43 1.48
N ARG B 74 23.57 -3.60 1.24
CA ARG B 74 23.83 -2.18 0.95
C ARG B 74 24.38 -1.46 2.17
N ASP B 75 23.65 -1.49 3.28
CA ASP B 75 24.03 -0.81 4.52
C ASP B 75 24.42 0.65 4.25
N ASP B 76 23.44 1.41 3.79
CA ASP B 76 23.65 2.82 3.45
C ASP B 76 23.85 3.70 4.67
N ALA B 77 23.72 3.17 5.88
CA ALA B 77 23.81 3.99 7.08
C ALA B 77 25.18 4.65 7.20
N LYS B 78 26.26 3.90 6.96
CA LYS B 78 27.61 4.44 7.05
C LYS B 78 28.33 4.38 5.71
N ASN B 79 27.60 4.26 4.60
CA ASN B 79 28.17 4.20 3.26
C ASN B 79 29.18 3.06 3.13
N THR B 80 28.86 1.92 3.74
CA THR B 80 29.68 0.72 3.67
C THR B 80 28.86 -0.42 3.10
N VAL B 81 29.36 -1.03 2.04
CA VAL B 81 28.69 -2.17 1.41
C VAL B 81 29.37 -3.45 1.86
N TYR B 82 28.58 -4.47 2.14
CA TYR B 82 29.04 -5.64 2.88
C TYR B 82 28.96 -6.89 2.02
N LEU B 83 29.95 -7.76 2.17
CA LEU B 83 29.95 -9.09 1.57
C LEU B 83 30.14 -10.12 2.67
N GLN B 84 29.21 -11.07 2.75
CA GLN B 84 29.29 -12.20 3.67
C GLN B 84 29.56 -13.46 2.88
N MET B 85 30.56 -14.23 3.31
CA MET B 85 31.00 -15.44 2.64
C MET B 85 30.76 -16.62 3.56
N ASN B 86 29.68 -17.37 3.31
CA ASN B 86 29.22 -18.38 4.26
C ASN B 86 30.13 -19.60 4.26
N SER B 87 30.54 -20.06 3.09
CA SER B 87 31.37 -21.26 2.98
C SER B 87 32.56 -21.00 2.06
N LEU B 88 33.73 -21.46 2.47
CA LEU B 88 34.96 -21.25 1.72
C LEU B 88 35.67 -22.58 1.51
N LYS B 89 36.30 -22.72 0.36
CA LYS B 89 37.01 -23.91 -0.06
C LYS B 89 38.35 -23.48 -0.63
N PRO B 90 39.29 -24.42 -0.83
CA PRO B 90 40.60 -24.02 -1.37
C PRO B 90 40.51 -23.31 -2.71
N GLU B 91 39.47 -23.59 -3.50
CA GLU B 91 39.34 -22.93 -4.80
C GLU B 91 38.94 -21.47 -4.68
N ASP B 92 38.46 -21.04 -3.53
CA ASP B 92 38.03 -19.66 -3.36
C ASP B 92 39.16 -18.71 -2.98
N THR B 93 40.39 -19.20 -2.85
CA THR B 93 41.52 -18.31 -2.54
C THR B 93 41.71 -17.32 -3.68
N ALA B 94 41.65 -16.03 -3.34
CA ALA B 94 41.60 -14.98 -4.35
C ALA B 94 41.85 -13.65 -3.66
N VAL B 95 42.40 -12.71 -4.42
CA VAL B 95 42.58 -11.34 -3.93
C VAL B 95 41.36 -10.54 -4.36
N TYR B 96 40.74 -9.84 -3.40
CA TYR B 96 39.43 -9.26 -3.61
C TYR B 96 39.52 -7.75 -3.77
N TYR B 97 38.71 -7.21 -4.69
CA TYR B 97 38.72 -5.81 -5.05
C TYR B 97 37.29 -5.27 -5.10
N CYS B 98 37.18 -3.96 -4.98
CA CYS B 98 35.90 -3.29 -4.79
C CYS B 98 35.84 -2.13 -5.77
N ALA B 99 34.80 -2.09 -6.60
CA ALA B 99 34.70 -1.08 -7.65
C ALA B 99 33.32 -0.45 -7.65
N ILE B 100 33.25 0.74 -8.22
CA ILE B 100 32.01 1.51 -8.23
C ILE B 100 31.48 1.59 -9.66
N ASP B 101 30.16 1.71 -9.76
CA ASP B 101 29.49 1.86 -11.04
C ASP B 101 29.22 3.33 -11.29
N SER B 102 29.60 3.81 -12.47
CA SER B 102 29.51 5.23 -12.78
C SER B 102 28.15 5.63 -13.32
N ASP B 103 27.72 4.99 -14.41
CA ASP B 103 26.49 5.41 -15.08
C ASP B 103 25.28 5.11 -14.21
N THR B 104 24.31 6.03 -14.25
CA THR B 104 23.09 5.89 -13.46
C THR B 104 22.12 4.88 -14.06
N PHE B 105 22.26 4.56 -15.35
CA PHE B 105 21.45 3.54 -16.00
C PHE B 105 22.15 2.20 -16.06
N TYR B 106 23.21 2.03 -15.27
CA TYR B 106 23.87 0.73 -15.10
C TYR B 106 24.52 0.25 -16.39
N SER B 107 25.08 1.17 -17.16
CA SER B 107 25.87 0.77 -18.33
C SER B 107 27.12 0.01 -17.91
N GLY B 108 27.78 0.44 -16.83
CA GLY B 108 28.85 -0.32 -16.24
C GLY B 108 30.26 0.17 -16.52
N SER B 109 30.43 1.40 -16.97
CA SER B 109 31.77 1.93 -17.19
C SER B 109 32.42 2.19 -15.84
N TYR B 110 33.25 1.26 -15.39
CA TYR B 110 33.85 1.31 -14.06
C TYR B 110 35.03 2.28 -14.09
N ASP B 111 34.90 3.38 -13.35
CA ASP B 111 35.94 4.41 -13.32
C ASP B 111 36.90 4.22 -12.15
N TYR B 112 36.40 4.28 -10.92
CA TYR B 112 37.24 4.14 -9.74
C TYR B 112 37.28 2.69 -9.27
N TRP B 113 38.34 2.37 -8.53
CA TRP B 113 38.65 0.99 -8.17
C TRP B 113 39.11 0.95 -6.72
N GLY B 114 39.72 -0.18 -6.33
CA GLY B 114 40.17 -0.36 -4.96
C GLY B 114 41.61 -0.83 -4.93
N GLN B 115 42.09 -1.07 -3.71
CA GLN B 115 43.49 -1.47 -3.53
C GLN B 115 43.63 -2.99 -3.47
N GLY B 116 42.71 -3.68 -2.80
CA GLY B 116 42.73 -5.12 -2.79
C GLY B 116 43.12 -5.69 -1.43
N THR B 117 42.55 -6.86 -1.13
CA THR B 117 42.89 -7.62 0.06
C THR B 117 43.02 -9.09 -0.31
N GLN B 118 43.89 -9.80 0.41
CA GLN B 118 44.16 -11.19 0.13
C GLN B 118 43.48 -12.08 1.17
N VAL B 119 42.88 -13.17 0.69
CA VAL B 119 42.14 -14.11 1.54
C VAL B 119 42.65 -15.50 1.21
N THR B 120 43.49 -16.05 2.08
CA THR B 120 44.11 -17.36 1.84
C THR B 120 43.34 -18.44 2.60
N VAL B 121 42.11 -18.70 2.12
CA VAL B 121 41.27 -19.70 2.76
C VAL B 121 41.84 -21.09 2.54
N SER B 122 41.58 -21.97 3.51
CA SER B 122 41.95 -23.39 3.44
C SER B 122 43.45 -23.60 3.25
N ASP C 2 -5.07 18.54 -16.84
CA ASP C 2 -5.63 17.25 -16.44
C ASP C 2 -4.82 16.62 -15.32
N ILE C 3 -5.40 15.62 -14.68
CA ILE C 3 -4.76 14.95 -13.54
C ILE C 3 -3.72 13.97 -14.07
N GLN C 4 -2.50 14.09 -13.56
CA GLN C 4 -1.41 13.21 -13.97
C GLN C 4 -1.32 11.99 -13.05
N MET C 5 -0.69 10.94 -13.56
CA MET C 5 -0.51 9.71 -12.82
C MET C 5 0.88 9.17 -13.09
N THR C 6 1.61 8.80 -12.04
CA THR C 6 3.01 8.40 -12.14
C THR C 6 3.23 7.04 -11.49
N GLN C 7 3.92 6.15 -12.18
CA GLN C 7 4.23 4.80 -11.70
C GLN C 7 5.70 4.74 -11.31
N SER C 8 5.99 4.16 -10.14
CA SER C 8 7.34 4.22 -9.60
C SER C 8 8.31 3.29 -10.32
N PRO C 9 8.08 1.96 -10.34
CA PRO C 9 9.07 1.09 -11.00
C PRO C 9 8.80 0.91 -12.49
N SER C 10 9.75 1.34 -13.33
CA SER C 10 9.59 1.16 -14.77
C SER C 10 9.87 -0.27 -15.20
N SER C 11 10.73 -0.97 -14.47
CA SER C 11 11.02 -2.37 -14.73
C SER C 11 11.25 -3.06 -13.40
N LEU C 12 11.19 -4.39 -13.43
CA LEU C 12 11.24 -5.17 -12.20
C LEU C 12 11.75 -6.56 -12.48
N SER C 13 12.88 -6.91 -11.87
CA SER C 13 13.48 -8.23 -12.02
C SER C 13 13.17 -9.06 -10.78
N ALA C 14 12.32 -10.06 -10.93
CA ALA C 14 11.89 -10.89 -9.82
C ALA C 14 11.87 -12.36 -10.24
N SER C 15 11.95 -13.24 -9.26
CA SER C 15 11.87 -14.67 -9.47
C SER C 15 10.53 -15.21 -8.98
N VAL C 16 10.30 -16.49 -9.27
CA VAL C 16 9.06 -17.14 -8.87
C VAL C 16 9.03 -17.25 -7.34
N GLY C 17 7.84 -17.06 -6.77
CA GLY C 17 7.67 -17.12 -5.34
C GLY C 17 7.91 -15.81 -4.62
N ASP C 18 8.36 -14.78 -5.33
CA ASP C 18 8.63 -13.48 -4.73
C ASP C 18 7.33 -12.72 -4.49
N ARG C 19 7.46 -11.59 -3.80
CA ARG C 19 6.35 -10.67 -3.56
C ARG C 19 6.69 -9.32 -4.18
N VAL C 20 5.75 -8.75 -4.93
CA VAL C 20 6.00 -7.56 -5.72
C VAL C 20 4.97 -6.49 -5.41
N THR C 21 5.44 -5.25 -5.27
CA THR C 21 4.58 -4.10 -5.02
C THR C 21 4.83 -3.03 -6.08
N ILE C 22 3.75 -2.44 -6.59
CA ILE C 22 3.82 -1.38 -7.59
C ILE C 22 2.93 -0.23 -7.14
N THR C 23 3.45 0.99 -7.21
CA THR C 23 2.74 2.17 -6.72
C THR C 23 2.46 3.12 -7.87
N CYS C 24 1.27 3.72 -7.83
CA CYS C 24 0.87 4.75 -8.78
C CYS C 24 0.32 5.93 -7.97
N ARG C 25 0.74 7.14 -8.33
CA ARG C 25 0.43 8.34 -7.56
C ARG C 25 -0.38 9.32 -8.38
N ALA C 26 -1.44 9.86 -7.77
CA ALA C 26 -2.33 10.81 -8.44
C ALA C 26 -1.74 12.21 -8.36
N SER C 27 -2.53 13.21 -8.73
CA SER C 27 -2.10 14.60 -8.67
C SER C 27 -3.13 15.57 -8.08
N GLN C 28 -4.39 15.17 -7.93
CA GLN C 28 -5.42 16.10 -7.49
C GLN C 28 -6.37 15.49 -6.48
N SER C 29 -5.89 14.52 -5.70
CA SER C 29 -6.65 13.94 -4.61
C SER C 29 -7.99 13.37 -5.10
N VAL C 30 -7.90 12.44 -6.04
CA VAL C 30 -9.11 11.76 -6.51
C VAL C 30 -9.67 10.88 -5.41
N SER C 31 -10.92 10.48 -5.58
CA SER C 31 -11.54 9.53 -4.66
C SER C 31 -11.04 8.13 -5.01
N SER C 32 -11.71 7.10 -4.47
CA SER C 32 -11.32 5.74 -4.80
C SER C 32 -11.73 5.42 -6.23
N ALA C 33 -11.04 6.01 -7.21
CA ALA C 33 -11.40 5.93 -8.63
C ALA C 33 -10.18 5.53 -9.45
N VAL C 34 -9.48 4.49 -9.01
CA VAL C 34 -8.26 4.04 -9.67
C VAL C 34 -8.40 2.56 -9.99
N ALA C 35 -8.07 2.19 -11.22
CA ALA C 35 -8.19 0.82 -11.69
C ALA C 35 -6.87 0.33 -12.25
N TRP C 36 -6.62 -0.97 -12.10
CA TRP C 36 -5.39 -1.60 -12.53
C TRP C 36 -5.68 -2.60 -13.64
N TYR C 37 -4.83 -2.62 -14.66
CA TYR C 37 -4.99 -3.48 -15.83
C TYR C 37 -3.75 -4.36 -16.02
N GLN C 38 -3.89 -5.32 -16.92
CA GLN C 38 -2.79 -6.20 -17.31
C GLN C 38 -2.82 -6.40 -18.81
N GLN C 39 -1.72 -6.09 -19.49
CA GLN C 39 -1.60 -6.27 -20.93
C GLN C 39 -0.41 -7.16 -21.23
N LYS C 40 -0.62 -8.14 -22.08
CA LYS C 40 0.43 -9.03 -22.56
C LYS C 40 0.79 -8.66 -24.00
N PRO C 41 1.95 -9.13 -24.50
CA PRO C 41 2.34 -8.79 -25.88
C PRO C 41 1.27 -9.09 -26.90
N GLY C 42 0.75 -8.05 -27.55
CA GLY C 42 -0.26 -8.20 -28.58
C GLY C 42 -1.61 -8.65 -28.05
N LYS C 43 -2.20 -7.86 -27.17
CA LYS C 43 -3.50 -8.19 -26.58
C LYS C 43 -4.10 -6.93 -25.98
N ALA C 44 -5.40 -6.96 -25.76
CA ALA C 44 -6.06 -5.84 -25.10
C ALA C 44 -5.87 -5.92 -23.59
N PRO C 45 -5.82 -4.78 -22.90
CA PRO C 45 -5.67 -4.81 -21.45
C PRO C 45 -6.86 -5.46 -20.77
N LYS C 46 -6.59 -6.08 -19.61
CA LYS C 46 -7.60 -6.77 -18.82
C LYS C 46 -7.71 -6.12 -17.45
N LEU C 47 -8.94 -5.84 -17.02
CA LEU C 47 -9.16 -5.18 -15.74
C LEU C 47 -8.87 -6.13 -14.58
N LEU C 48 -8.24 -5.59 -13.53
CA LEU C 48 -7.93 -6.36 -12.33
C LEU C 48 -8.64 -5.83 -11.09
N ILE C 49 -8.48 -4.54 -10.80
CA ILE C 49 -9.03 -3.92 -9.61
C ILE C 49 -9.81 -2.68 -10.03
N TYR C 50 -10.94 -2.43 -9.38
CA TYR C 50 -11.69 -1.20 -9.58
C TYR C 50 -11.98 -0.56 -8.23
N SER C 51 -12.21 0.76 -8.26
CA SER C 51 -12.49 1.53 -7.05
C SER C 51 -11.38 1.35 -6.01
N ALA C 52 -10.19 1.81 -6.38
CA ALA C 52 -9.01 1.75 -5.52
C ALA C 52 -8.60 0.33 -5.18
N SER C 53 -9.39 -0.35 -4.35
CA SER C 53 -9.11 -1.73 -3.95
C SER C 53 -10.43 -2.50 -3.86
N SER C 54 -10.81 -3.14 -4.97
CA SER C 54 -11.97 -4.00 -4.99
C SER C 54 -11.78 -5.01 -6.12
N LEU C 55 -11.74 -6.29 -5.78
CA LEU C 55 -11.42 -7.33 -6.73
C LEU C 55 -12.50 -7.43 -7.81
N TYR C 56 -12.08 -7.77 -9.03
CA TYR C 56 -13.00 -7.96 -10.14
C TYR C 56 -13.78 -9.26 -9.96
N SER C 57 -14.79 -9.45 -10.80
CA SER C 57 -15.64 -10.63 -10.71
C SER C 57 -14.84 -11.91 -10.94
N GLY C 58 -14.09 -11.97 -12.04
CA GLY C 58 -13.26 -13.13 -12.29
C GLY C 58 -11.79 -12.78 -12.43
N VAL C 59 -10.99 -13.20 -11.45
CA VAL C 59 -9.57 -12.87 -11.38
C VAL C 59 -8.98 -13.69 -10.22
N PRO C 60 -7.75 -14.19 -10.35
CA PRO C 60 -7.14 -14.90 -9.22
C PRO C 60 -7.05 -14.01 -7.99
N SER C 61 -7.17 -14.65 -6.82
CA SER C 61 -7.33 -13.94 -5.56
C SER C 61 -6.01 -13.45 -4.97
N ARG C 62 -4.87 -13.71 -5.62
CA ARG C 62 -3.60 -13.27 -5.06
C ARG C 62 -3.38 -11.78 -5.24
N PHE C 63 -3.95 -11.19 -6.28
CA PHE C 63 -3.81 -9.75 -6.50
C PHE C 63 -4.54 -8.97 -5.41
N SER C 64 -3.98 -7.82 -5.04
CA SER C 64 -4.55 -6.99 -3.98
C SER C 64 -4.20 -5.54 -4.25
N GLY C 65 -4.86 -4.64 -3.51
CA GLY C 65 -4.62 -3.21 -3.65
C GLY C 65 -4.89 -2.50 -2.35
N SER C 66 -4.50 -1.23 -2.29
CA SER C 66 -4.72 -0.42 -1.11
C SER C 66 -4.75 1.05 -1.49
N ARG C 67 -5.35 1.86 -0.63
CA ARG C 67 -5.39 3.31 -0.79
C ARG C 67 -4.94 3.97 0.51
N SER C 68 -4.13 5.02 0.37
CA SER C 68 -3.69 5.79 1.54
C SER C 68 -3.79 7.29 1.31
N GLY C 69 -4.47 7.73 0.26
CA GLY C 69 -4.64 9.14 -0.01
C GLY C 69 -3.65 9.63 -1.04
N THR C 70 -4.10 9.80 -2.29
CA THR C 70 -3.23 10.08 -3.42
C THR C 70 -2.04 9.12 -3.45
N ASP C 71 -2.30 7.86 -3.12
CA ASP C 71 -1.24 6.85 -3.07
C ASP C 71 -1.90 5.48 -3.20
N PHE C 72 -1.61 4.79 -4.29
CA PHE C 72 -2.24 3.51 -4.61
C PHE C 72 -1.18 2.46 -4.89
N THR C 73 -1.40 1.25 -4.39
CA THR C 73 -0.40 0.19 -4.44
C THR C 73 -1.03 -1.11 -4.92
N LEU C 74 -0.31 -1.83 -5.77
CA LEU C 74 -0.69 -3.15 -6.23
C LEU C 74 0.31 -4.16 -5.71
N THR C 75 -0.19 -5.29 -5.17
CA THR C 75 0.66 -6.29 -4.58
C THR C 75 0.32 -7.67 -5.14
N ILE C 76 1.33 -8.52 -5.26
CA ILE C 76 1.18 -9.92 -5.59
C ILE C 76 1.92 -10.74 -4.55
N SER C 77 1.25 -11.73 -3.96
CA SER C 77 1.90 -12.55 -2.95
C SER C 77 2.96 -13.46 -3.55
N SER C 78 2.64 -14.10 -4.69
CA SER C 78 3.58 -14.97 -5.37
C SER C 78 3.46 -14.78 -6.87
N LEU C 79 4.60 -14.78 -7.56
CA LEU C 79 4.64 -14.56 -9.01
C LEU C 79 4.59 -15.91 -9.71
N GLN C 80 3.40 -16.34 -10.09
CA GLN C 80 3.27 -17.53 -10.89
C GLN C 80 3.84 -17.26 -12.29
N PRO C 81 4.24 -18.32 -13.01
CA PRO C 81 4.89 -18.10 -14.31
C PRO C 81 4.04 -17.34 -15.32
N GLU C 82 2.72 -17.27 -15.13
CA GLU C 82 1.87 -16.53 -16.06
C GLU C 82 1.70 -15.06 -15.68
N ASP C 83 2.25 -14.62 -14.55
CA ASP C 83 2.11 -13.24 -14.10
C ASP C 83 3.27 -12.36 -14.54
N PHE C 84 3.91 -12.66 -15.68
CA PHE C 84 4.98 -11.84 -16.22
C PHE C 84 4.42 -11.09 -17.42
N ALA C 85 4.06 -9.83 -17.20
CA ALA C 85 3.42 -8.99 -18.22
C ALA C 85 3.50 -7.54 -17.76
N THR C 86 2.79 -6.66 -18.47
CA THR C 86 2.78 -5.23 -18.17
C THR C 86 1.50 -4.86 -17.42
N TYR C 87 1.58 -3.83 -16.58
CA TYR C 87 0.46 -3.39 -15.76
C TYR C 87 0.31 -1.87 -15.84
N TYR C 88 -0.93 -1.40 -15.67
CA TYR C 88 -1.24 0.01 -15.85
C TYR C 88 -2.20 0.49 -14.77
N CYS C 89 -2.20 1.80 -14.53
CA CYS C 89 -3.11 2.46 -13.61
C CYS C 89 -3.84 3.58 -14.34
N GLN C 90 -5.14 3.72 -14.07
CA GLN C 90 -5.96 4.74 -14.71
C GLN C 90 -6.93 5.33 -13.69
N GLN C 91 -7.18 6.63 -13.81
CA GLN C 91 -8.18 7.32 -13.00
C GLN C 91 -9.34 7.78 -13.88
N TYR C 92 -10.56 7.64 -13.38
CA TYR C 92 -11.76 7.83 -14.19
C TYR C 92 -12.79 8.70 -13.46
N LEU C 93 -12.34 9.86 -12.96
CA LEU C 93 -13.22 10.73 -12.18
C LEU C 93 -14.45 11.14 -12.97
N TYR C 94 -14.29 11.49 -14.24
CA TYR C 94 -15.40 11.89 -15.09
C TYR C 94 -15.04 11.50 -16.52
N TYR C 95 -16.04 11.50 -17.40
CA TYR C 95 -15.88 10.93 -18.74
C TYR C 95 -14.77 11.63 -19.53
N SER C 96 -14.70 12.96 -19.44
CA SER C 96 -13.69 13.70 -20.18
C SER C 96 -12.34 13.76 -19.48
N LEU C 97 -12.24 13.25 -18.26
CA LEU C 97 -11.01 13.29 -17.47
C LEU C 97 -10.56 11.86 -17.22
N VAL C 98 -9.82 11.30 -18.17
CA VAL C 98 -9.29 9.94 -18.07
C VAL C 98 -7.81 9.98 -18.43
N THR C 99 -6.97 9.49 -17.54
CA THR C 99 -5.53 9.44 -17.77
C THR C 99 -4.98 8.10 -17.32
N PHE C 100 -3.89 7.70 -17.95
CA PHE C 100 -3.26 6.40 -17.72
C PHE C 100 -1.88 6.59 -17.08
N GLY C 101 -1.32 5.48 -16.60
CA GLY C 101 0.03 5.46 -16.11
C GLY C 101 1.03 5.17 -17.22
N GLN C 102 2.29 5.02 -16.82
CA GLN C 102 3.36 4.76 -17.78
C GLN C 102 3.50 3.29 -18.11
N GLY C 103 3.31 2.42 -17.14
CA GLY C 103 3.40 0.98 -17.36
C GLY C 103 4.63 0.39 -16.69
N THR C 104 4.46 -0.80 -16.12
CA THR C 104 5.53 -1.51 -15.45
C THR C 104 5.64 -2.92 -16.02
N LYS C 105 6.88 -3.36 -16.29
CA LYS C 105 7.14 -4.67 -16.85
C LYS C 105 7.86 -5.54 -15.84
N VAL C 106 7.44 -6.80 -15.75
CA VAL C 106 7.98 -7.76 -14.78
C VAL C 106 8.71 -8.86 -15.55
N GLU C 107 9.95 -9.12 -15.15
CA GLU C 107 10.79 -10.10 -15.86
C GLU C 107 11.39 -11.12 -14.90
N ILE C 108 12.31 -11.94 -15.40
CA ILE C 108 12.93 -13.01 -14.63
C ILE C 108 14.34 -12.60 -14.22
N LYS C 109 14.81 -13.17 -13.12
CA LYS C 109 16.12 -12.87 -12.56
C LYS C 109 16.99 -14.12 -12.55
N ARG C 110 18.27 -13.96 -12.83
CA ARG C 110 19.21 -15.07 -12.82
C ARG C 110 20.62 -14.53 -12.60
N THR C 111 21.61 -15.38 -12.87
CA THR C 111 23.01 -15.07 -12.64
C THR C 111 23.58 -14.29 -13.82
N VAL C 112 24.50 -13.36 -13.50
CA VAL C 112 25.08 -12.48 -14.51
C VAL C 112 25.89 -13.29 -15.51
N ALA C 113 25.79 -12.93 -16.78
CA ALA C 113 26.58 -13.53 -17.85
C ALA C 113 27.11 -12.42 -18.76
N ALA C 114 28.38 -12.45 -19.06
CA ALA C 114 28.99 -11.42 -19.87
C ALA C 114 28.70 -11.64 -21.35
N PRO C 115 28.58 -10.58 -22.13
CA PRO C 115 28.29 -10.73 -23.55
C PRO C 115 29.47 -11.29 -24.33
N SER C 116 29.16 -11.86 -25.48
CA SER C 116 30.15 -12.33 -26.44
C SER C 116 30.01 -11.49 -27.71
N VAL C 117 31.12 -10.98 -28.21
CA VAL C 117 31.11 -9.94 -29.23
C VAL C 117 31.62 -10.50 -30.55
N PHE C 118 30.93 -10.15 -31.64
CA PHE C 118 31.26 -10.58 -32.98
C PHE C 118 31.21 -9.39 -33.93
N ILE C 119 31.92 -9.50 -35.06
CA ILE C 119 31.91 -8.47 -36.09
C ILE C 119 31.77 -9.13 -37.45
N PHE C 120 31.31 -8.34 -38.43
CA PHE C 120 31.09 -8.82 -39.78
C PHE C 120 31.36 -7.73 -40.82
N PRO C 121 32.36 -7.89 -41.67
CA PRO C 121 32.66 -6.87 -42.69
C PRO C 121 31.60 -6.81 -43.76
N PRO C 122 31.46 -5.69 -44.46
CA PRO C 122 30.43 -5.57 -45.49
C PRO C 122 30.66 -6.58 -46.62
N SER C 123 29.57 -7.09 -47.15
CA SER C 123 29.65 -8.08 -48.22
C SER C 123 29.97 -7.41 -49.55
N ASP C 124 30.28 -8.23 -50.56
CA ASP C 124 30.69 -7.70 -51.85
C ASP C 124 29.55 -6.96 -52.53
N SER C 125 28.32 -7.46 -52.39
CA SER C 125 27.19 -6.89 -53.14
C SER C 125 26.87 -5.47 -52.67
N GLN C 126 26.81 -5.25 -51.36
CA GLN C 126 26.53 -3.91 -50.87
C GLN C 126 27.66 -2.94 -51.23
N LEU C 127 28.91 -3.43 -51.19
CA LEU C 127 30.03 -2.61 -51.65
C LEU C 127 29.92 -2.28 -53.13
N LYS C 128 29.28 -3.17 -53.90
CA LYS C 128 29.05 -2.89 -55.32
C LYS C 128 27.97 -1.83 -55.50
N SER C 129 26.82 -2.04 -54.88
CA SER C 129 25.67 -1.15 -55.07
C SER C 129 25.60 -0.01 -54.07
N GLY C 130 26.58 0.11 -53.17
CA GLY C 130 26.60 1.22 -52.24
C GLY C 130 25.87 0.93 -50.94
N THR C 131 26.01 1.89 -50.02
CA THR C 131 25.42 1.80 -48.68
C THR C 131 25.93 0.54 -47.96
N ALA C 132 27.24 0.53 -47.72
CA ALA C 132 27.87 -0.58 -47.01
C ALA C 132 27.36 -0.65 -45.59
N SER C 133 27.25 -1.88 -45.09
CA SER C 133 26.75 -2.15 -43.74
C SER C 133 27.76 -2.99 -42.99
N VAL C 134 27.95 -2.69 -41.71
CA VAL C 134 28.80 -3.47 -40.82
C VAL C 134 28.06 -3.68 -39.51
N VAL C 135 28.11 -4.90 -38.99
CA VAL C 135 27.26 -5.33 -37.89
C VAL C 135 28.11 -5.81 -36.74
N CYS C 136 27.87 -5.28 -35.54
CA CYS C 136 28.45 -5.77 -34.30
C CYS C 136 27.33 -6.38 -33.46
N LEU C 137 27.61 -7.53 -32.87
CA LEU C 137 26.58 -8.33 -32.23
C LEU C 137 26.97 -8.66 -30.79
N LEU C 138 26.00 -8.64 -29.90
CA LEU C 138 26.16 -9.04 -28.51
C LEU C 138 25.29 -10.26 -28.26
N ASN C 139 25.87 -11.31 -27.69
CA ASN C 139 25.25 -12.61 -27.63
C ASN C 139 25.15 -13.09 -26.19
N ASN C 140 23.94 -13.42 -25.75
CA ASN C 140 23.67 -14.18 -24.53
C ASN C 140 24.26 -13.49 -23.30
N PHE C 141 23.68 -12.34 -22.98
CA PHE C 141 24.09 -11.59 -21.80
C PHE C 141 22.89 -11.21 -20.95
N TYR C 142 23.05 -11.31 -19.63
CA TYR C 142 22.11 -10.83 -18.63
C TYR C 142 22.83 -9.91 -17.66
N PRO C 143 22.22 -8.78 -17.27
CA PRO C 143 20.91 -8.26 -17.65
C PRO C 143 20.90 -7.46 -18.94
N ARG C 144 19.84 -6.67 -19.18
CA ARG C 144 19.68 -5.94 -20.43
C ARG C 144 20.23 -4.51 -20.31
N GLU C 145 21.52 -4.44 -19.97
CA GLU C 145 22.22 -3.16 -19.81
C GLU C 145 23.53 -3.25 -20.56
N ALA C 146 23.55 -2.80 -21.80
CA ALA C 146 24.76 -2.77 -22.59
C ALA C 146 24.75 -1.53 -23.47
N LYS C 147 25.94 -1.06 -23.81
CA LYS C 147 26.11 0.11 -24.66
C LYS C 147 27.12 -0.22 -25.74
N VAL C 148 26.76 0.06 -26.99
CA VAL C 148 27.64 -0.16 -28.13
C VAL C 148 27.99 1.21 -28.70
N GLN C 149 29.28 1.49 -28.81
CA GLN C 149 29.78 2.71 -29.43
C GLN C 149 30.81 2.31 -30.49
N TRP C 150 30.44 2.49 -31.75
CA TRP C 150 31.36 2.15 -32.83
C TRP C 150 32.55 3.11 -32.85
N LYS C 151 33.64 2.65 -33.42
CA LYS C 151 34.87 3.43 -33.44
C LYS C 151 35.59 3.21 -34.77
N VAL C 152 35.90 4.31 -35.46
CA VAL C 152 36.66 4.27 -36.70
C VAL C 152 37.89 5.17 -36.52
N ASP C 153 39.07 4.61 -36.81
CA ASP C 153 40.33 5.35 -36.73
C ASP C 153 40.49 6.03 -35.37
N ASN C 154 40.08 5.31 -34.31
CA ASN C 154 40.09 5.83 -32.94
C ASN C 154 39.26 7.11 -32.81
N ALA C 155 38.14 7.17 -33.53
CA ALA C 155 37.21 8.28 -33.45
C ALA C 155 35.79 7.74 -33.32
N LEU C 156 35.03 8.32 -32.38
CA LEU C 156 33.68 7.85 -32.13
C LEU C 156 32.70 8.46 -33.14
N GLN C 157 31.54 7.83 -33.25
CA GLN C 157 30.54 8.20 -34.24
C GLN C 157 29.25 8.65 -33.57
N SER C 158 28.45 9.40 -34.32
CA SER C 158 27.09 9.74 -33.94
C SER C 158 26.21 9.67 -35.18
N GLY C 159 25.05 9.02 -35.04
CA GLY C 159 24.17 8.81 -36.16
C GLY C 159 24.60 7.62 -37.01
N ASN C 160 23.74 7.30 -37.99
CA ASN C 160 23.96 6.16 -38.89
C ASN C 160 24.12 4.86 -38.10
N SER C 161 23.32 4.71 -37.05
CA SER C 161 23.34 3.51 -36.22
C SER C 161 21.93 3.25 -35.70
N GLN C 162 21.49 1.99 -35.78
CA GLN C 162 20.20 1.56 -35.28
C GLN C 162 20.40 0.32 -34.42
N GLU C 163 19.49 0.10 -33.49
CA GLU C 163 19.62 -1.02 -32.55
C GLU C 163 18.29 -1.72 -32.36
N SER C 164 18.37 -2.99 -31.96
CA SER C 164 17.19 -3.78 -31.63
C SER C 164 17.63 -4.90 -30.71
N VAL C 165 16.76 -5.29 -29.77
CA VAL C 165 17.07 -6.29 -28.77
C VAL C 165 15.98 -7.35 -28.74
N THR C 166 16.37 -8.61 -28.74
CA THR C 166 15.41 -9.69 -28.63
C THR C 166 14.86 -9.76 -27.21
N GLU C 167 13.68 -10.35 -27.10
CA GLU C 167 13.12 -10.64 -25.78
C GLU C 167 13.89 -11.77 -25.12
N GLN C 168 13.63 -11.99 -23.84
CA GLN C 168 14.26 -13.09 -23.12
C GLN C 168 13.98 -14.41 -23.82
N ASP C 169 15.02 -15.21 -24.05
CA ASP C 169 14.82 -16.51 -24.63
C ASP C 169 14.28 -17.46 -23.57
N SER C 170 13.33 -18.32 -23.98
CA SER C 170 12.67 -19.20 -23.03
C SER C 170 13.60 -20.24 -22.44
N LYS C 171 14.71 -20.55 -23.11
CA LYS C 171 15.58 -21.64 -22.65
C LYS C 171 16.35 -21.24 -21.40
N ASP C 172 16.96 -20.05 -21.39
CA ASP C 172 17.81 -19.68 -20.27
C ASP C 172 17.68 -18.22 -19.84
N SER C 173 16.71 -17.47 -20.36
CA SER C 173 16.45 -16.09 -19.95
C SER C 173 17.65 -15.17 -20.18
N THR C 174 18.04 -15.07 -21.45
CA THR C 174 19.14 -14.20 -21.87
C THR C 174 18.67 -13.33 -23.03
N TYR C 175 19.49 -12.36 -23.41
CA TYR C 175 19.14 -11.38 -24.41
C TYR C 175 20.11 -11.45 -25.59
N SER C 176 19.94 -10.51 -26.53
CA SER C 176 20.82 -10.35 -27.68
C SER C 176 20.54 -9.00 -28.30
N LEU C 177 21.59 -8.36 -28.83
CA LEU C 177 21.48 -6.99 -29.31
C LEU C 177 22.28 -6.83 -30.59
N SER C 178 21.86 -5.88 -31.43
CA SER C 178 22.50 -5.60 -32.69
C SER C 178 22.64 -4.10 -32.89
N SER C 179 23.65 -3.70 -33.65
CA SER C 179 23.89 -2.31 -34.00
C SER C 179 24.53 -2.26 -35.37
N THR C 180 23.80 -1.73 -36.36
CA THR C 180 24.25 -1.72 -37.75
C THR C 180 24.74 -0.32 -38.10
N LEU C 181 26.01 -0.22 -38.49
CA LEU C 181 26.63 1.03 -38.89
C LEU C 181 26.62 1.07 -40.43
N THR C 182 25.72 1.86 -40.99
CA THR C 182 25.56 1.96 -42.44
C THR C 182 26.10 3.29 -42.93
N LEU C 183 26.99 3.25 -43.92
CA LEU C 183 27.63 4.44 -44.45
C LEU C 183 27.69 4.37 -45.96
N SER C 184 27.82 5.54 -46.58
CA SER C 184 28.00 5.62 -48.02
C SER C 184 29.38 5.07 -48.41
N LYS C 185 29.50 4.70 -49.69
CA LYS C 185 30.72 4.05 -50.15
C LYS C 185 31.94 4.95 -50.02
N ALA C 186 31.79 6.23 -50.35
CA ALA C 186 32.95 7.12 -50.40
C ALA C 186 33.63 7.22 -49.04
N ASP C 187 32.85 7.53 -48.00
CA ASP C 187 33.44 7.65 -46.67
C ASP C 187 33.82 6.29 -46.08
N TYR C 188 33.24 5.20 -46.57
CA TYR C 188 33.62 3.89 -46.06
C TYR C 188 34.97 3.45 -46.61
N GLU C 189 35.22 3.70 -47.90
CA GLU C 189 36.53 3.39 -48.47
C GLU C 189 37.55 4.48 -48.15
N LYS C 190 37.11 5.64 -47.67
CA LYS C 190 38.04 6.69 -47.27
C LYS C 190 38.85 6.27 -46.04
N HIS C 191 38.18 5.72 -45.03
CA HIS C 191 38.83 5.34 -43.79
C HIS C 191 39.40 3.93 -43.88
N LYS C 192 40.16 3.54 -42.86
CA LYS C 192 40.90 2.30 -42.87
C LYS C 192 40.49 1.34 -41.76
N VAL C 193 40.41 1.80 -40.53
CA VAL C 193 40.24 0.95 -39.36
C VAL C 193 38.78 0.97 -38.91
N TYR C 194 38.28 -0.17 -38.46
CA TYR C 194 36.95 -0.29 -37.87
C TYR C 194 37.04 -1.12 -36.60
N ALA C 195 36.37 -0.66 -35.55
CA ALA C 195 36.41 -1.36 -34.27
C ALA C 195 35.08 -1.14 -33.54
N CYS C 196 34.78 -2.06 -32.62
CA CYS C 196 33.52 -2.08 -31.89
C CYS C 196 33.82 -2.11 -30.41
N GLU C 197 32.95 -1.47 -29.61
CA GLU C 197 33.16 -1.38 -28.17
C GLU C 197 31.85 -1.64 -27.44
N VAL C 198 31.92 -2.45 -26.39
CA VAL C 198 30.76 -2.84 -25.60
C VAL C 198 31.08 -2.59 -24.12
N THR C 199 30.02 -2.48 -23.33
CA THR C 199 30.14 -2.28 -21.89
C THR C 199 29.04 -3.05 -21.18
N HIS C 200 29.38 -3.66 -20.06
CA HIS C 200 28.42 -4.43 -19.29
C HIS C 200 28.89 -4.51 -17.84
N GLN C 201 27.95 -4.76 -16.93
CA GLN C 201 28.30 -4.84 -15.52
C GLN C 201 29.10 -6.09 -15.20
N GLY C 202 29.01 -7.13 -16.02
CA GLY C 202 29.72 -8.37 -15.79
C GLY C 202 31.15 -8.40 -16.27
N LEU C 203 31.62 -7.36 -16.97
CA LEU C 203 32.98 -7.30 -17.45
C LEU C 203 33.80 -6.34 -16.59
N SER C 204 35.09 -6.67 -16.43
CA SER C 204 36.00 -5.84 -15.66
C SER C 204 36.52 -4.69 -16.50
N SER C 205 37.13 -5.00 -17.65
CA SER C 205 37.57 -4.01 -18.61
C SER C 205 36.81 -4.17 -19.92
N PRO C 206 36.41 -3.07 -20.56
CA PRO C 206 35.62 -3.19 -21.80
C PRO C 206 36.39 -3.95 -22.87
N VAL C 207 35.65 -4.74 -23.65
CA VAL C 207 36.23 -5.59 -24.68
C VAL C 207 35.90 -5.03 -26.05
N THR C 208 36.76 -5.33 -27.01
CA THR C 208 36.65 -4.76 -28.35
C THR C 208 36.99 -5.81 -29.39
N LYS C 209 36.28 -5.75 -30.53
CA LYS C 209 36.57 -6.56 -31.70
C LYS C 209 36.76 -5.63 -32.89
N SER C 210 37.81 -5.86 -33.67
CA SER C 210 38.13 -4.99 -34.79
C SER C 210 38.58 -5.83 -35.98
N PHE C 211 38.32 -5.30 -37.18
CA PHE C 211 38.70 -5.94 -38.42
C PHE C 211 39.36 -4.91 -39.33
N ASN C 212 40.06 -5.40 -40.35
CA ASN C 212 40.80 -4.54 -41.26
C ASN C 212 40.40 -4.81 -42.69
N ARG C 213 40.47 -3.77 -43.52
CA ARG C 213 40.09 -3.88 -44.93
C ARG C 213 41.09 -4.71 -45.72
N ASP D 16 -5.21 9.05 68.19
CA ASP D 16 -5.70 10.34 67.71
C ASP D 16 -7.22 10.34 67.73
N HIS D 17 -7.79 10.96 68.77
CA HIS D 17 -9.23 10.89 69.00
C HIS D 17 -9.97 12.02 68.29
N LEU D 18 -9.36 12.58 67.25
CA LEU D 18 -9.96 13.68 66.49
C LEU D 18 -10.49 13.25 65.13
N PHE D 19 -9.75 12.40 64.44
CA PHE D 19 -10.08 12.00 63.07
C PHE D 19 -11.42 11.27 63.00
N PRO D 20 -11.66 10.20 63.79
CA PRO D 20 -12.94 9.51 63.71
C PRO D 20 -14.11 10.42 64.11
N PRO D 21 -14.06 11.11 65.28
CA PRO D 21 -15.23 11.94 65.65
C PRO D 21 -15.59 12.93 64.57
N SER D 22 -14.63 13.75 64.13
CA SER D 22 -14.92 14.81 63.17
C SER D 22 -15.39 14.25 61.83
N LEU D 23 -14.66 13.26 61.29
CA LEU D 23 -15.01 12.75 59.98
C LEU D 23 -16.38 12.07 59.98
N TYR D 24 -16.66 11.27 61.01
CA TYR D 24 -17.96 10.64 61.06
C TYR D 24 -19.06 11.62 61.44
N ILE D 25 -18.72 12.75 62.06
CA ILE D 25 -19.69 13.83 62.22
C ILE D 25 -20.06 14.40 60.85
N PHE D 26 -19.05 14.62 60.00
CA PHE D 26 -19.34 15.11 58.66
C PHE D 26 -20.20 14.12 57.89
N VAL D 27 -19.92 12.82 58.04
CA VAL D 27 -20.68 11.81 57.32
C VAL D 27 -22.11 11.70 57.85
N ILE D 28 -22.28 11.74 59.17
CA ILE D 28 -23.62 11.73 59.77
C ILE D 28 -24.32 13.07 59.60
N GLY D 29 -23.62 14.07 59.08
CA GLY D 29 -24.19 15.37 58.80
C GLY D 29 -24.58 15.44 57.35
N VAL D 30 -23.65 15.92 56.52
CA VAL D 30 -23.92 16.27 55.13
C VAL D 30 -24.52 15.09 54.35
N GLY D 31 -24.53 13.90 54.94
CA GLY D 31 -25.07 12.72 54.30
C GLY D 31 -26.59 12.59 54.34
N LEU D 32 -27.21 12.98 55.45
CA LEU D 32 -28.66 12.86 55.63
C LEU D 32 -29.49 13.52 54.54
N PRO D 33 -29.28 14.81 54.22
CA PRO D 33 -30.19 15.47 53.29
C PRO D 33 -29.82 15.35 51.82
N THR D 34 -28.57 15.02 51.49
CA THR D 34 -28.20 14.82 50.10
C THR D 34 -28.72 13.49 49.57
N ASN D 35 -28.67 12.44 50.39
CA ASN D 35 -29.00 11.11 49.90
C ASN D 35 -30.49 10.98 49.62
N CYS D 36 -31.34 11.53 50.49
CA CYS D 36 -32.79 11.46 50.24
C CYS D 36 -33.17 12.23 48.99
N LEU D 37 -32.54 13.38 48.76
CA LEU D 37 -32.79 14.12 47.53
C LEU D 37 -32.34 13.33 46.32
N ALA D 38 -31.20 12.64 46.41
CA ALA D 38 -30.77 11.77 45.31
C ALA D 38 -31.76 10.64 45.09
N LEU D 39 -32.29 10.08 46.18
CA LEU D 39 -33.33 9.06 46.10
C LEU D 39 -34.51 9.56 45.30
N TRP D 40 -35.03 10.73 45.68
CA TRP D 40 -36.21 11.27 45.01
C TRP D 40 -35.91 11.57 43.54
N ALA D 41 -34.74 12.12 43.25
CA ALA D 41 -34.41 12.50 41.88
C ALA D 41 -34.30 11.26 40.99
N ALA D 42 -33.55 10.27 41.41
CA ALA D 42 -33.48 9.08 40.57
C ALA D 42 -34.77 8.27 40.62
N TYR D 43 -35.67 8.54 41.56
CA TYR D 43 -37.04 8.01 41.45
C TYR D 43 -37.78 8.68 40.30
N ARG D 44 -37.65 10.01 40.19
CA ARG D 44 -38.12 10.70 38.99
C ARG D 44 -37.52 10.07 37.75
N GLN D 45 -36.29 9.59 37.86
CA GLN D 45 -35.62 8.99 36.72
C GLN D 45 -36.21 7.61 36.40
N VAL D 46 -36.44 6.77 37.41
CA VAL D 46 -36.97 5.43 37.16
C VAL D 46 -38.38 5.52 36.59
N GLN D 47 -39.17 6.50 37.04
CA GLN D 47 -40.48 6.66 36.42
C GLN D 47 -40.34 7.21 35.00
N GLN D 48 -39.25 7.91 34.71
CA GLN D 48 -38.99 8.40 33.36
C GLN D 48 -38.09 7.44 32.58
N ARG D 49 -38.41 6.15 32.63
CA ARG D 49 -37.84 5.12 31.74
C ARG D 49 -36.31 5.23 31.60
N ASN D 50 -35.62 5.03 32.72
CA ASN D 50 -34.16 5.03 32.72
C ASN D 50 -33.64 3.89 33.59
N GLU D 51 -32.36 3.55 33.40
CA GLU D 51 -31.79 2.38 34.07
C GLU D 51 -30.83 2.71 35.20
N LEU D 52 -30.33 3.94 35.30
CA LEU D 52 -29.43 4.27 36.41
C LEU D 52 -30.17 4.47 37.72
N GLY D 53 -31.47 4.76 37.65
CA GLY D 53 -32.19 5.11 38.85
C GLY D 53 -32.32 3.97 39.84
N VAL D 54 -32.44 2.74 39.35
CA VAL D 54 -32.57 1.60 40.25
C VAL D 54 -31.27 1.40 41.03
N TYR D 55 -30.13 1.48 40.34
CA TYR D 55 -28.85 1.38 41.00
C TYR D 55 -28.69 2.50 42.02
N LEU D 56 -29.17 3.69 41.68
CA LEU D 56 -29.11 4.78 42.65
C LEU D 56 -30.02 4.54 43.85
N MET D 57 -31.19 3.93 43.64
CA MET D 57 -32.04 3.47 44.76
C MET D 57 -31.27 2.57 45.71
N ASN D 58 -30.63 1.53 45.16
CA ASN D 58 -29.91 0.59 46.01
C ASN D 58 -28.77 1.29 46.75
N LEU D 59 -28.04 2.15 46.03
CA LEU D 59 -26.93 2.88 46.62
C LEU D 59 -27.42 3.76 47.77
N SER D 60 -28.50 4.49 47.56
CA SER D 60 -29.01 5.38 48.59
C SER D 60 -29.50 4.60 49.79
N ILE D 61 -30.13 3.44 49.58
CA ILE D 61 -30.60 2.64 50.70
C ILE D 61 -29.42 2.18 51.55
N ALA D 62 -28.38 1.65 50.92
CA ALA D 62 -27.21 1.21 51.68
C ALA D 62 -26.55 2.39 52.39
N ASN D 63 -26.47 3.53 51.72
CA ASN D 63 -25.91 4.74 52.32
C ASN D 63 -26.65 5.14 53.59
N LEU D 64 -27.98 5.25 53.51
CA LEU D 64 -28.75 5.64 54.68
C LEU D 64 -28.60 4.62 55.80
N LEU D 65 -28.59 3.32 55.45
CA LEU D 65 -28.40 2.30 56.47
C LEU D 65 -27.10 2.53 57.23
N TYR D 66 -25.99 2.72 56.50
CA TYR D 66 -24.69 2.87 57.17
C TYR D 66 -24.63 4.16 57.99
N ILE D 67 -25.11 5.27 57.44
CA ILE D 67 -25.05 6.53 58.16
C ILE D 67 -25.89 6.45 59.42
N CYS D 68 -27.01 5.71 59.35
CA CYS D 68 -27.85 5.50 60.53
C CYS D 68 -27.19 4.59 61.54
N THR D 69 -26.30 3.69 61.09
CA THR D 69 -25.52 2.92 62.05
C THR D 69 -24.44 3.75 62.73
N LEU D 70 -23.99 4.81 62.06
CA LEU D 70 -22.90 5.63 62.60
C LEU D 70 -23.15 6.27 63.96
N PRO D 71 -24.31 6.90 64.24
CA PRO D 71 -24.39 7.76 65.45
C PRO D 71 -24.05 7.06 66.76
N LEU D 72 -24.41 5.79 66.91
CA LEU D 72 -24.03 5.09 68.13
C LEU D 72 -22.52 5.03 68.27
N TRP D 73 -21.83 4.80 67.15
CA TRP D 73 -20.37 4.83 67.15
C TRP D 73 -19.84 6.20 67.51
N VAL D 74 -20.43 7.24 66.93
CA VAL D 74 -19.99 8.61 67.21
C VAL D 74 -20.40 9.01 68.62
N ASP D 75 -21.28 8.22 69.23
CA ASP D 75 -21.68 8.43 70.63
C ASP D 75 -20.62 7.90 71.58
N TYR D 76 -20.25 6.64 71.42
CA TYR D 76 -19.41 5.94 72.39
C TYR D 76 -18.04 6.59 72.54
N PHE D 77 -17.36 6.88 71.44
CA PHE D 77 -15.97 7.34 71.48
C PHE D 77 -15.80 8.73 72.07
N LEU D 78 -16.75 9.64 71.85
CA LEU D 78 -16.57 11.04 72.25
C LEU D 78 -16.41 11.22 73.76
N HIS D 79 -17.17 10.50 74.59
CA HIS D 79 -17.00 10.64 76.02
C HIS D 79 -16.58 9.32 76.68
N HIS D 80 -17.23 8.22 76.33
CA HIS D 80 -16.80 6.94 76.87
C HIS D 80 -15.50 6.48 76.20
N ASP D 81 -14.82 5.56 76.88
CA ASP D 81 -13.67 4.87 76.30
C ASP D 81 -13.75 3.36 76.42
N ASN D 82 -14.55 2.82 77.31
CA ASN D 82 -14.86 1.39 77.38
C ASN D 82 -16.29 1.27 76.86
N TRP D 83 -16.49 0.36 75.90
CA TRP D 83 -17.76 0.20 75.20
C TRP D 83 -18.91 0.16 76.19
N ILE D 84 -19.77 1.19 76.14
CA ILE D 84 -20.79 1.39 77.16
C ILE D 84 -22.07 0.62 76.87
N HIS D 85 -22.21 0.08 75.66
CA HIS D 85 -23.34 -0.79 75.33
C HIS D 85 -22.95 -2.23 75.63
N GLY D 86 -23.76 -3.17 75.15
CA GLY D 86 -23.48 -4.58 75.36
C GLY D 86 -22.17 -5.00 74.75
N PRO D 87 -21.42 -5.86 75.46
CA PRO D 87 -20.16 -6.38 74.90
C PRO D 87 -20.39 -7.14 73.60
N GLY D 88 -21.54 -7.81 73.50
CA GLY D 88 -21.88 -8.54 72.30
C GLY D 88 -22.70 -7.73 71.32
N SER D 89 -22.80 -6.42 71.55
CA SER D 89 -23.56 -5.54 70.68
C SER D 89 -22.73 -5.01 69.52
N CYS D 90 -21.44 -4.74 69.77
CA CYS D 90 -20.55 -4.27 68.72
C CYS D 90 -20.38 -5.28 67.59
N LYS D 91 -20.60 -6.56 67.86
CA LYS D 91 -20.56 -7.57 66.80
C LYS D 91 -21.51 -7.23 65.67
N LEU D 92 -22.64 -6.59 65.97
CA LEU D 92 -23.66 -6.30 64.98
C LEU D 92 -23.38 -5.01 64.23
N PHE D 93 -22.19 -4.42 64.40
CA PHE D 93 -21.89 -3.16 63.73
C PHE D 93 -20.61 -3.22 62.88
N GLY D 94 -20.22 -4.38 62.39
CA GLY D 94 -19.13 -4.44 61.44
C GLY D 94 -19.61 -4.97 60.10
N PHE D 95 -20.65 -5.80 60.18
CA PHE D 95 -21.28 -6.36 58.99
C PHE D 95 -21.81 -5.25 58.10
N ILE D 96 -22.49 -4.26 58.70
CA ILE D 96 -23.04 -3.16 57.93
C ILE D 96 -21.93 -2.36 57.27
N PHE D 97 -20.82 -2.14 57.98
CA PHE D 97 -19.70 -1.37 57.42
C PHE D 97 -19.11 -2.08 56.21
N TYR D 98 -18.79 -3.37 56.36
CA TYR D 98 -18.24 -4.13 55.24
C TYR D 98 -19.19 -4.14 54.06
N THR D 99 -20.47 -4.41 54.32
CA THR D 99 -21.45 -4.44 53.24
C THR D 99 -21.54 -3.09 52.55
N ASN D 100 -21.53 -2.00 53.32
CA ASN D 100 -21.58 -0.67 52.73
C ASN D 100 -20.44 -0.47 51.75
N ILE D 101 -19.21 -0.72 52.21
CA ILE D 101 -18.05 -0.45 51.36
C ILE D 101 -18.12 -1.29 50.08
N TYR D 102 -18.41 -2.57 50.22
CA TYR D 102 -18.25 -3.42 49.05
C TYR D 102 -19.48 -3.38 48.13
N ILE D 103 -20.66 -3.07 48.64
CA ILE D 103 -21.77 -2.76 47.75
C ILE D 103 -21.50 -1.45 47.02
N SER D 104 -20.82 -0.50 47.66
CA SER D 104 -20.47 0.74 46.98
C SER D 104 -19.57 0.47 45.78
N ILE D 105 -18.49 -0.28 46.00
CA ILE D 105 -17.59 -0.57 44.87
C ILE D 105 -18.32 -1.37 43.80
N ALA D 106 -19.14 -2.35 44.21
CA ALA D 106 -19.85 -3.16 43.24
C ALA D 106 -20.76 -2.31 42.36
N PHE D 107 -21.52 -1.40 42.98
CA PHE D 107 -22.50 -0.65 42.19
C PHE D 107 -21.83 0.38 41.31
N LEU D 108 -20.73 0.99 41.77
CA LEU D 108 -19.99 1.89 40.89
C LEU D 108 -19.47 1.12 39.68
N CYS D 109 -18.93 -0.08 39.91
CA CYS D 109 -18.43 -0.88 38.80
C CYS D 109 -19.55 -1.21 37.82
N CYS D 110 -20.72 -1.57 38.35
CA CYS D 110 -21.84 -1.92 37.49
C CYS D 110 -22.27 -0.73 36.63
N ILE D 111 -22.38 0.45 37.23
CA ILE D 111 -22.75 1.63 36.46
C ILE D 111 -21.72 1.88 35.36
N SER D 112 -20.44 1.77 35.69
CA SER D 112 -19.41 2.04 34.69
C SER D 112 -19.49 1.07 33.53
N VAL D 113 -19.63 -0.23 33.80
CA VAL D 113 -19.62 -1.20 32.71
C VAL D 113 -20.88 -1.05 31.87
N ASP D 114 -22.02 -0.77 32.51
CA ASP D 114 -23.25 -0.56 31.76
C ASP D 114 -23.13 0.64 30.83
N ARG D 115 -22.57 1.74 31.32
CA ARG D 115 -22.45 2.92 30.47
C ARG D 115 -21.47 2.70 29.33
N TYR D 116 -20.38 1.97 29.60
CA TYR D 116 -19.46 1.63 28.52
C TYR D 116 -20.14 0.76 27.47
N LEU D 117 -20.93 -0.22 27.90
CA LEU D 117 -21.65 -1.07 26.95
C LEU D 117 -22.63 -0.26 26.12
N ALA D 118 -23.32 0.69 26.75
CA ALA D 118 -24.26 1.54 26.03
C ALA D 118 -23.54 2.38 24.98
N VAL D 119 -22.42 3.00 25.35
CA VAL D 119 -21.75 3.92 24.44
C VAL D 119 -21.04 3.16 23.32
N ALA D 120 -20.56 1.94 23.61
CA ALA D 120 -19.72 1.24 22.65
C ALA D 120 -20.53 0.42 21.66
N HIS D 121 -21.31 -0.54 22.15
CA HIS D 121 -22.04 -1.48 21.30
C HIS D 121 -23.54 -1.30 21.53
N PRO D 122 -24.20 -0.48 20.72
CA PRO D 122 -25.67 -0.36 20.85
C PRO D 122 -26.39 -1.67 20.60
N LEU D 123 -25.88 -2.51 19.71
CA LEU D 123 -26.55 -3.79 19.42
C LEU D 123 -26.56 -4.69 20.65
N ARG D 124 -25.44 -4.80 21.34
CA ARG D 124 -25.42 -5.57 22.57
C ARG D 124 -26.17 -4.84 23.68
N PHE D 125 -26.11 -3.51 23.69
CA PHE D 125 -26.89 -2.73 24.64
C PHE D 125 -28.38 -2.98 24.50
N ALA D 126 -28.83 -3.39 23.31
CA ALA D 126 -30.22 -3.78 23.13
C ALA D 126 -30.54 -4.96 24.05
N ARG D 127 -31.72 -4.89 24.67
CA ARG D 127 -32.22 -5.83 25.68
C ARG D 127 -31.44 -5.73 26.98
N LEU D 128 -30.37 -4.93 27.04
CA LEU D 128 -29.72 -4.59 28.30
C LEU D 128 -30.23 -3.28 28.87
N ARG D 129 -30.95 -2.49 28.07
CA ARG D 129 -31.56 -1.26 28.53
C ARG D 129 -32.89 -1.48 29.22
N ARG D 130 -33.38 -2.72 29.27
CA ARG D 130 -34.64 -3.01 29.93
C ARG D 130 -34.49 -2.85 31.44
N VAL D 131 -35.42 -2.13 32.05
CA VAL D 131 -35.31 -1.81 33.48
C VAL D 131 -35.37 -3.07 34.32
N LYS D 132 -36.19 -4.05 33.91
CA LYS D 132 -36.29 -5.29 34.67
C LYS D 132 -34.97 -6.03 34.72
N THR D 133 -34.18 -5.96 33.64
CA THR D 133 -32.85 -6.56 33.66
C THR D 133 -31.97 -5.91 34.73
N ALA D 134 -32.02 -4.58 34.82
CA ALA D 134 -31.24 -3.88 35.84
C ALA D 134 -31.71 -4.24 37.24
N VAL D 135 -33.03 -4.36 37.43
CA VAL D 135 -33.56 -4.74 38.74
C VAL D 135 -33.09 -6.14 39.12
N ALA D 136 -33.13 -7.07 38.17
CA ALA D 136 -32.67 -8.43 38.44
C ALA D 136 -31.18 -8.44 38.77
N VAL D 137 -30.39 -7.66 38.04
CA VAL D 137 -28.95 -7.60 38.32
C VAL D 137 -28.71 -7.05 39.72
N SER D 138 -29.43 -5.99 40.09
CA SER D 138 -29.26 -5.42 41.42
C SER D 138 -29.66 -6.40 42.51
N SER D 139 -30.76 -7.13 42.30
CA SER D 139 -31.19 -8.11 43.29
C SER D 139 -30.17 -9.24 43.44
N VAL D 140 -29.61 -9.71 42.32
CA VAL D 140 -28.59 -10.74 42.36
C VAL D 140 -27.35 -10.21 43.10
N VAL D 141 -26.97 -8.97 42.84
CA VAL D 141 -25.81 -8.38 43.51
C VAL D 141 -26.05 -8.32 45.02
N TRP D 142 -27.24 -7.87 45.43
CA TRP D 142 -27.56 -7.79 46.85
C TRP D 142 -27.52 -9.16 47.50
N ALA D 143 -28.12 -10.16 46.86
CA ALA D 143 -28.15 -11.51 47.43
C ALA D 143 -26.74 -12.09 47.52
N THR D 144 -25.93 -11.91 46.48
CA THR D 144 -24.57 -12.44 46.49
C THR D 144 -23.73 -11.75 47.57
N GLU D 145 -23.88 -10.44 47.73
CA GLU D 145 -23.11 -9.75 48.76
C GLU D 145 -23.55 -10.18 50.15
N LEU D 146 -24.85 -10.40 50.33
CA LEU D 146 -25.32 -10.91 51.62
C LEU D 146 -24.72 -12.28 51.90
N GLY D 147 -24.68 -13.15 50.89
CA GLY D 147 -24.06 -14.45 51.07
C GLY D 147 -22.58 -14.35 51.39
N ALA D 148 -21.90 -13.40 50.77
CA ALA D 148 -20.47 -13.21 51.02
C ALA D 148 -20.22 -12.67 52.43
N ASN D 149 -21.08 -11.77 52.90
CA ASN D 149 -20.90 -11.14 54.19
C ASN D 149 -21.53 -11.90 55.35
N SER D 150 -22.25 -12.98 55.07
CA SER D 150 -22.78 -13.83 56.13
C SER D 150 -21.72 -14.72 56.77
N ALA D 151 -20.44 -14.52 56.46
CA ALA D 151 -19.40 -15.39 57.00
C ALA D 151 -19.25 -15.29 58.51
N PRO D 152 -19.10 -14.12 59.13
CA PRO D 152 -18.83 -14.08 60.57
C PRO D 152 -20.04 -13.92 61.47
N LEU D 153 -21.23 -13.69 60.92
CA LEU D 153 -22.43 -13.60 61.76
C LEU D 153 -22.83 -14.97 62.29
N PHE D 154 -22.68 -16.02 61.47
CA PHE D 154 -23.11 -17.35 61.87
C PHE D 154 -22.32 -17.86 63.06
N HIS D 155 -21.01 -17.64 63.07
CA HIS D 155 -20.12 -18.14 64.11
C HIS D 155 -19.65 -16.97 64.97
N ASP D 156 -20.19 -16.87 66.18
CA ASP D 156 -19.72 -15.88 67.14
C ASP D 156 -18.26 -16.11 67.54
N GLU D 157 -17.78 -17.34 67.42
CA GLU D 157 -16.36 -17.61 67.64
C GLU D 157 -15.51 -16.86 66.62
N LEU D 158 -15.99 -16.77 65.37
CA LEU D 158 -15.28 -16.00 64.36
C LEU D 158 -15.27 -14.52 64.70
N PHE D 159 -16.33 -14.02 65.35
CA PHE D 159 -16.31 -12.64 65.83
C PHE D 159 -15.28 -12.46 66.94
N ARG D 160 -15.30 -13.35 67.93
CA ARG D 160 -14.31 -13.30 69.00
C ARG D 160 -12.91 -13.67 68.51
N ASP D 161 -12.74 -13.92 67.21
CA ASP D 161 -11.41 -14.16 66.69
C ASP D 161 -10.56 -12.89 66.73
N ARG D 162 -10.95 -11.85 65.96
CA ARG D 162 -10.23 -10.58 65.97
C ARG D 162 -11.22 -9.43 66.14
N TYR D 163 -11.65 -9.20 67.38
CA TYR D 163 -12.43 -8.00 67.69
C TYR D 163 -12.18 -7.44 69.08
N ASN D 164 -11.19 -7.94 69.83
CA ASN D 164 -10.95 -7.56 71.21
C ASN D 164 -12.10 -7.93 72.14
N HIS D 165 -11.84 -7.89 73.46
CA HIS D 165 -12.94 -8.07 74.40
C HIS D 165 -13.90 -6.90 74.37
N THR D 166 -13.40 -5.72 74.05
CA THR D 166 -14.20 -4.51 73.97
C THR D 166 -13.45 -3.48 73.13
N PHE D 167 -14.08 -2.32 72.93
CA PHE D 167 -13.63 -1.27 72.00
C PHE D 167 -13.10 -1.86 70.71
N CYS D 168 -13.98 -2.50 69.94
CA CYS D 168 -13.59 -3.33 68.79
C CYS D 168 -12.70 -2.57 67.82
N PHE D 169 -11.44 -3.01 67.73
CA PHE D 169 -10.43 -2.38 66.90
C PHE D 169 -9.55 -3.43 66.23
N GLU D 170 -10.11 -4.61 65.98
CA GLU D 170 -9.35 -5.78 65.56
C GLU D 170 -8.33 -6.15 66.63
N LYS D 171 -7.42 -7.07 66.31
CA LYS D 171 -6.42 -7.53 67.26
C LYS D 171 -5.02 -7.30 66.71
N PHE D 172 -4.14 -6.75 67.54
CA PHE D 172 -2.74 -6.66 67.20
C PHE D 172 -2.09 -8.05 67.14
N PRO D 173 -2.58 -9.07 67.90
CA PRO D 173 -2.17 -10.45 67.53
C PRO D 173 -3.08 -11.06 66.47
N MET D 174 -2.77 -10.78 65.20
CA MET D 174 -3.65 -11.24 64.13
C MET D 174 -3.41 -12.71 63.84
N GLU D 175 -3.90 -13.58 64.72
CA GLU D 175 -3.69 -15.01 64.63
C GLU D 175 -4.94 -15.70 64.09
N GLY D 176 -4.76 -16.54 63.08
CA GLY D 176 -5.88 -17.23 62.47
C GLY D 176 -5.89 -17.10 60.97
N TRP D 177 -6.98 -17.51 60.35
CA TRP D 177 -7.15 -17.47 58.90
C TRP D 177 -7.36 -16.05 58.38
N VAL D 178 -7.16 -15.07 59.27
CA VAL D 178 -7.25 -13.68 58.90
C VAL D 178 -6.21 -13.30 57.87
N ALA D 179 -4.99 -13.83 57.98
CA ALA D 179 -3.93 -13.51 57.03
C ALA D 179 -4.32 -13.85 55.60
N TRP D 180 -5.22 -14.81 55.39
CA TRP D 180 -5.71 -15.17 54.06
C TRP D 180 -7.04 -14.54 53.73
N MET D 181 -7.92 -14.39 54.73
CA MET D 181 -9.15 -13.64 54.55
C MET D 181 -8.87 -12.25 53.99
N ASN D 182 -7.96 -11.52 54.65
CA ASN D 182 -7.70 -10.14 54.24
C ASN D 182 -6.89 -10.05 52.95
N LEU D 183 -6.01 -11.03 52.69
CA LEU D 183 -5.34 -11.06 51.40
C LEU D 183 -6.35 -11.28 50.26
N TYR D 184 -7.30 -12.19 50.46
CA TYR D 184 -8.36 -12.37 49.46
C TYR D 184 -9.18 -11.10 49.32
N ARG D 185 -9.41 -10.40 50.44
CA ARG D 185 -10.18 -9.16 50.37
C ARG D 185 -9.45 -8.10 49.55
N VAL D 186 -8.14 -7.94 49.74
CA VAL D 186 -7.43 -6.91 49.01
C VAL D 186 -7.25 -7.30 47.55
N PHE D 187 -7.25 -8.60 47.24
CA PHE D 187 -7.16 -8.99 45.82
C PHE D 187 -8.53 -8.88 45.16
N VAL D 188 -9.47 -9.73 45.57
CA VAL D 188 -10.81 -9.73 45.00
C VAL D 188 -11.68 -8.87 45.92
N GLY D 189 -12.07 -7.71 45.42
CA GLY D 189 -12.75 -6.72 46.23
C GLY D 189 -12.19 -5.34 45.94
N PHE D 190 -10.90 -5.29 45.60
CA PHE D 190 -10.30 -4.05 45.11
C PHE D 190 -9.69 -4.20 43.72
N LEU D 191 -8.85 -5.21 43.46
CA LEU D 191 -8.07 -5.21 42.23
C LEU D 191 -8.90 -5.54 41.00
N PHE D 192 -10.00 -6.28 41.16
CA PHE D 192 -10.83 -6.60 39.99
C PHE D 192 -11.56 -5.37 39.47
N PRO D 193 -12.47 -4.73 40.21
CA PRO D 193 -13.27 -3.65 39.62
C PRO D 193 -12.43 -2.48 39.15
N TRP D 194 -11.30 -2.21 39.80
CA TRP D 194 -10.42 -1.13 39.35
C TRP D 194 -9.95 -1.41 37.92
N ALA D 195 -9.49 -2.63 37.64
CA ALA D 195 -9.05 -2.99 36.31
C ALA D 195 -10.22 -2.99 35.32
N LEU D 196 -11.38 -3.48 35.75
CA LEU D 196 -12.54 -3.47 34.87
C LEU D 196 -12.87 -2.07 34.40
N MET D 197 -12.96 -1.12 35.33
CA MET D 197 -13.32 0.23 34.94
C MET D 197 -12.18 0.91 34.19
N LEU D 198 -10.93 0.51 34.44
CA LEU D 198 -9.83 1.02 33.64
C LEU D 198 -10.00 0.63 32.18
N LEU D 199 -10.32 -0.66 31.94
CA LEU D 199 -10.54 -1.12 30.57
C LEU D 199 -11.73 -0.41 29.93
N SER D 200 -12.80 -0.21 30.70
CA SER D 200 -13.97 0.49 30.18
C SER D 200 -13.61 1.91 29.75
N TYR D 201 -12.86 2.63 30.59
CA TYR D 201 -12.45 3.98 30.24
C TYR D 201 -11.59 3.99 28.99
N ARG D 202 -10.67 3.03 28.87
CA ARG D 202 -9.84 2.95 27.67
C ARG D 202 -10.68 2.76 26.41
N GLY D 203 -11.64 1.83 26.46
CA GLY D 203 -12.49 1.61 25.30
C GLY D 203 -13.29 2.85 24.92
N ILE D 204 -13.83 3.54 25.93
CA ILE D 204 -14.61 4.76 25.65
C ILE D 204 -13.73 5.80 24.98
N LEU D 205 -12.51 5.98 25.50
CA LEU D 205 -11.61 6.98 24.92
C LEU D 205 -11.28 6.65 23.48
N ARG D 206 -11.00 5.37 23.19
CA ARG D 206 -10.68 4.99 21.82
C ARG D 206 -11.85 5.28 20.89
N ALA D 207 -13.07 4.91 21.29
CA ALA D 207 -14.23 5.13 20.44
C ALA D 207 -14.44 6.62 20.15
N VAL D 208 -14.33 7.45 21.19
CA VAL D 208 -14.59 8.88 21.00
C VAL D 208 -13.52 9.51 20.11
N ARG D 209 -12.25 9.12 20.31
CA ARG D 209 -11.19 9.65 19.45
C ARG D 209 -11.42 9.28 17.99
N GLY D 210 -11.81 8.02 17.75
CA GLY D 210 -12.15 7.62 16.40
C GLY D 210 -13.28 8.44 15.81
N ALA D 211 -14.30 8.75 16.62
CA ALA D 211 -15.40 9.57 16.14
C ALA D 211 -14.93 10.95 15.72
N ARG D 212 -14.06 11.57 16.51
CA ARG D 212 -13.53 12.88 16.13
C ARG D 212 -12.77 12.80 14.81
N ARG D 213 -11.89 11.79 14.69
CA ARG D 213 -11.14 11.62 13.44
C ARG D 213 -12.09 11.46 12.26
N GLN D 214 -13.21 10.76 12.47
CA GLN D 214 -14.16 10.56 11.38
C GLN D 214 -14.85 11.86 10.99
N LEU D 215 -15.22 12.68 11.97
CA LEU D 215 -15.95 13.90 11.64
C LEU D 215 -15.05 14.95 10.97
N ALA D 216 -13.74 14.88 11.22
CA ALA D 216 -12.83 15.89 10.66
C ALA D 216 -12.94 15.98 9.14
N ASP D 217 -12.83 14.85 8.43
CA ASP D 217 -12.80 14.89 6.98
C ASP D 217 -14.15 15.28 6.38
N LEU D 218 -15.25 14.91 7.04
CA LEU D 218 -16.56 15.34 6.57
C LEU D 218 -16.69 16.85 6.64
N GLU D 219 -16.22 17.45 7.74
CA GLU D 219 -16.22 18.91 7.81
C GLU D 219 -15.36 19.51 6.71
N ASP D 220 -14.20 18.91 6.44
CA ASP D 220 -13.34 19.43 5.38
C ASP D 220 -14.03 19.34 4.02
N ASN D 221 -14.74 18.25 3.76
CA ASN D 221 -15.44 18.09 2.49
C ASN D 221 -16.53 19.14 2.32
N TRP D 222 -17.29 19.42 3.39
CA TRP D 222 -18.27 20.49 3.32
C TRP D 222 -17.60 21.83 3.01
N GLU D 223 -16.45 22.07 3.63
CA GLU D 223 -15.73 23.31 3.36
C GLU D 223 -15.34 23.41 1.89
N THR D 224 -14.84 22.31 1.32
CA THR D 224 -14.47 22.31 -0.09
C THR D 224 -15.67 22.61 -0.99
N LEU D 225 -16.81 21.98 -0.70
CA LEU D 225 -18.00 22.21 -1.52
C LEU D 225 -18.41 23.68 -1.46
N ASN D 226 -18.44 24.26 -0.27
CA ASN D 226 -18.89 25.65 -0.16
C ASN D 226 -17.92 26.61 -0.84
N ASP D 227 -16.62 26.37 -0.70
CA ASP D 227 -15.63 27.24 -1.34
C ASP D 227 -15.76 27.18 -2.86
N ASN D 228 -15.94 25.98 -3.41
CA ASN D 228 -16.10 25.87 -4.85
C ASN D 228 -17.40 26.51 -5.33
N LEU D 229 -18.46 26.41 -4.52
CA LEU D 229 -19.71 27.10 -4.86
C LEU D 229 -19.48 28.61 -4.93
N LYS D 230 -18.76 29.15 -3.96
CA LYS D 230 -18.44 30.57 -3.98
C LYS D 230 -17.65 30.94 -5.23
N VAL D 231 -16.69 30.08 -5.62
CA VAL D 231 -15.88 30.36 -6.80
C VAL D 231 -16.76 30.39 -8.06
N ILE D 232 -17.62 29.37 -8.21
CA ILE D 232 -18.46 29.29 -9.41
C ILE D 232 -19.53 30.38 -9.45
N GLU D 233 -19.88 30.96 -8.30
CA GLU D 233 -20.89 32.01 -8.30
C GLU D 233 -20.52 33.15 -9.24
N LYS D 234 -19.22 33.42 -9.43
CA LYS D 234 -18.80 34.46 -10.37
C LYS D 234 -18.51 33.84 -11.73
N ALA D 235 -17.53 32.95 -11.80
CA ALA D 235 -17.24 32.15 -13.00
C ALA D 235 -17.09 33.03 -14.24
N ASP D 236 -16.03 33.83 -14.24
CA ASP D 236 -15.81 34.79 -15.31
C ASP D 236 -15.78 34.12 -16.68
N ASN D 237 -15.09 32.99 -16.78
CA ASN D 237 -14.99 32.25 -18.02
C ASN D 237 -15.51 30.82 -17.82
N ALA D 238 -15.35 29.99 -18.85
CA ALA D 238 -15.82 28.62 -18.80
C ALA D 238 -14.79 27.63 -18.26
N ALA D 239 -13.52 28.05 -18.15
CA ALA D 239 -12.51 27.14 -17.59
C ALA D 239 -12.64 27.03 -16.08
N GLN D 240 -12.94 28.14 -15.41
CA GLN D 240 -13.10 28.11 -13.96
C GLN D 240 -14.26 27.21 -13.56
N VAL D 241 -15.33 27.18 -14.36
CA VAL D 241 -16.50 26.39 -14.00
C VAL D 241 -16.15 24.91 -13.93
N LYS D 242 -15.51 24.40 -14.98
CA LYS D 242 -15.09 22.99 -14.97
C LYS D 242 -14.04 22.73 -13.90
N ASP D 243 -13.09 23.66 -13.73
CA ASP D 243 -12.02 23.45 -12.77
C ASP D 243 -12.56 23.32 -11.35
N ALA D 244 -13.55 24.15 -10.99
CA ALA D 244 -14.14 24.03 -9.67
C ALA D 244 -15.11 22.86 -9.57
N LEU D 245 -15.82 22.52 -10.65
CA LEU D 245 -16.77 21.42 -10.57
C LEU D 245 -16.06 20.08 -10.40
N THR D 246 -14.83 19.96 -10.91
CA THR D 246 -14.07 18.74 -10.67
C THR D 246 -13.83 18.52 -9.17
N LYS D 247 -13.42 19.57 -8.47
CA LYS D 247 -13.18 19.46 -7.04
C LYS D 247 -14.48 19.30 -6.27
N MET D 248 -15.58 19.91 -6.73
CA MET D 248 -16.89 19.62 -6.16
C MET D 248 -17.20 18.14 -6.24
N ARG D 249 -16.98 17.54 -7.42
CA ARG D 249 -17.28 16.12 -7.59
C ARG D 249 -16.45 15.27 -6.64
N ALA D 250 -15.15 15.54 -6.57
CA ALA D 250 -14.28 14.76 -5.70
C ALA D 250 -14.71 14.87 -4.25
N ALA D 251 -15.01 16.09 -3.80
CA ALA D 251 -15.42 16.30 -2.41
C ALA D 251 -16.76 15.62 -2.12
N ALA D 252 -17.70 15.67 -3.06
CA ALA D 252 -18.98 15.00 -2.86
C ALA D 252 -18.82 13.50 -2.73
N LEU D 253 -18.01 12.89 -3.60
CA LEU D 253 -17.77 11.46 -3.50
C LEU D 253 -17.11 11.11 -2.18
N ASP D 254 -16.13 11.90 -1.75
CA ASP D 254 -15.46 11.63 -0.47
C ASP D 254 -16.43 11.75 0.70
N ALA D 255 -17.31 12.76 0.67
CA ALA D 255 -18.27 12.95 1.74
C ALA D 255 -19.26 11.79 1.79
N GLN D 256 -19.69 11.30 0.63
CA GLN D 256 -20.55 10.13 0.61
C GLN D 256 -19.83 8.93 1.20
N LYS D 257 -18.54 8.76 0.88
CA LYS D 257 -17.79 7.64 1.42
C LYS D 257 -17.65 7.74 2.93
N ALA D 258 -17.50 8.96 3.46
CA ALA D 258 -17.27 9.13 4.89
C ALA D 258 -18.47 8.64 5.72
N THR D 259 -19.68 8.97 5.28
CA THR D 259 -20.88 8.58 6.02
C THR D 259 -21.06 7.06 6.02
N ASP D 275 -30.94 7.76 3.39
CA ASP D 275 -31.66 8.80 2.65
C ASP D 275 -30.72 9.92 2.22
N PHE D 276 -29.70 10.20 3.04
CA PHE D 276 -28.73 11.21 2.67
C PHE D 276 -27.90 10.76 1.46
N ARG D 277 -27.74 9.45 1.28
CA ARG D 277 -27.08 8.96 0.07
C ARG D 277 -27.88 9.34 -1.18
N HIS D 278 -29.21 9.37 -1.06
CA HIS D 278 -30.04 9.84 -2.17
C HIS D 278 -29.74 11.30 -2.49
N GLY D 279 -29.58 12.12 -1.45
CA GLY D 279 -29.25 13.52 -1.68
C GLY D 279 -27.89 13.70 -2.32
N PHE D 280 -26.92 12.87 -1.90
CA PHE D 280 -25.61 12.93 -2.53
C PHE D 280 -25.69 12.50 -4.00
N ASP D 281 -26.52 11.50 -4.30
CA ASP D 281 -26.73 11.08 -5.69
C ASP D 281 -27.28 12.23 -6.52
N ILE D 282 -28.32 12.90 -6.01
CA ILE D 282 -28.90 14.05 -6.71
C ILE D 282 -27.85 15.14 -6.92
N LEU D 283 -27.06 15.42 -5.88
CA LEU D 283 -26.05 16.47 -5.97
C LEU D 283 -25.02 16.16 -7.04
N VAL D 284 -24.53 14.92 -7.09
CA VAL D 284 -23.55 14.55 -8.10
C VAL D 284 -24.15 14.64 -9.48
N GLY D 285 -25.40 14.22 -9.63
CA GLY D 285 -26.06 14.34 -10.92
C GLY D 285 -26.15 15.78 -11.40
N GLN D 286 -26.50 16.69 -10.50
CA GLN D 286 -26.62 18.08 -10.90
C GLN D 286 -25.26 18.72 -11.17
N ILE D 287 -24.22 18.30 -10.45
CA ILE D 287 -22.87 18.75 -10.77
C ILE D 287 -22.48 18.30 -12.17
N ASP D 288 -22.79 17.05 -12.52
CA ASP D 288 -22.50 16.57 -13.88
C ASP D 288 -23.28 17.35 -14.91
N ASP D 289 -24.54 17.69 -14.61
CA ASP D 289 -25.34 18.50 -15.51
C ASP D 289 -24.67 19.85 -15.77
N ALA D 290 -24.22 20.51 -14.70
CA ALA D 290 -23.54 21.80 -14.86
C ALA D 290 -22.25 21.64 -15.64
N LEU D 291 -21.51 20.57 -15.38
CA LEU D 291 -20.27 20.29 -16.11
C LEU D 291 -20.54 20.21 -17.61
N LYS D 292 -21.54 19.44 -18.00
CA LYS D 292 -21.86 19.31 -19.41
C LYS D 292 -22.28 20.65 -20.01
N LEU D 293 -23.16 21.38 -19.31
CA LEU D 293 -23.66 22.64 -19.84
C LEU D 293 -22.53 23.66 -20.04
N ALA D 294 -21.60 23.73 -19.09
CA ALA D 294 -20.43 24.59 -19.28
C ALA D 294 -19.48 24.03 -20.32
N ASN D 295 -19.53 22.73 -20.58
CA ASN D 295 -18.62 22.12 -21.54
C ASN D 295 -19.05 22.39 -22.97
N GLU D 296 -20.36 22.46 -23.26
CA GLU D 296 -20.75 22.73 -24.64
C GLU D 296 -20.24 24.09 -25.12
N GLY D 297 -19.90 24.99 -24.20
CA GLY D 297 -19.40 26.28 -24.61
C GLY D 297 -20.27 27.46 -24.21
N LYS D 298 -20.96 27.34 -23.09
CA LYS D 298 -21.76 28.42 -22.54
C LYS D 298 -21.25 28.78 -21.15
N VAL D 299 -21.85 29.82 -20.58
CA VAL D 299 -21.48 30.30 -19.25
C VAL D 299 -22.68 30.36 -18.31
N LYS D 300 -23.82 30.89 -18.78
CA LYS D 300 -24.91 31.21 -17.87
C LYS D 300 -25.64 29.96 -17.38
N GLU D 301 -25.81 28.96 -18.24
CA GLU D 301 -26.56 27.77 -17.84
C GLU D 301 -25.86 27.03 -16.70
N ALA D 302 -24.53 27.03 -16.70
CA ALA D 302 -23.79 26.47 -15.57
C ALA D 302 -24.14 27.21 -14.28
N GLN D 303 -24.26 28.54 -14.36
CA GLN D 303 -24.63 29.30 -13.18
C GLN D 303 -26.05 28.98 -12.73
N ALA D 304 -26.97 28.79 -13.67
CA ALA D 304 -28.33 28.41 -13.30
C ALA D 304 -28.35 27.07 -12.58
N ALA D 305 -27.59 26.10 -13.09
CA ALA D 305 -27.46 24.82 -12.39
C ALA D 305 -26.84 25.00 -11.02
N ALA D 306 -25.88 25.92 -10.91
CA ALA D 306 -25.25 26.19 -9.62
C ALA D 306 -26.28 26.71 -8.61
N GLU D 307 -27.14 27.64 -9.03
CA GLU D 307 -28.22 28.08 -8.13
C GLU D 307 -29.15 26.94 -7.78
N GLN D 308 -29.48 26.08 -8.74
CA GLN D 308 -30.30 24.93 -8.44
C GLN D 308 -29.66 24.03 -7.38
N LEU D 309 -28.33 23.98 -7.35
CA LEU D 309 -27.64 23.10 -6.43
C LEU D 309 -27.87 23.49 -4.97
N LYS D 310 -28.14 24.77 -4.70
CA LYS D 310 -28.19 25.27 -3.33
C LYS D 310 -29.29 24.58 -2.52
N THR D 311 -30.49 24.45 -3.13
CA THR D 311 -31.63 23.93 -2.38
C THR D 311 -31.39 22.50 -1.93
N THR D 312 -30.87 21.65 -2.80
CA THR D 312 -30.55 20.29 -2.39
C THR D 312 -29.32 20.25 -1.50
N ARG D 313 -28.45 21.27 -1.57
CA ARG D 313 -27.31 21.32 -0.66
C ARG D 313 -27.78 21.53 0.77
N ASN D 314 -28.73 22.45 0.98
CA ASN D 314 -29.11 22.85 2.33
C ASN D 314 -30.42 22.22 2.81
N ALA D 315 -30.91 21.18 2.13
CA ALA D 315 -32.12 20.50 2.56
C ALA D 315 -31.93 18.99 2.73
N TYR D 316 -30.76 18.45 2.41
CA TYR D 316 -30.49 17.03 2.56
C TYR D 316 -29.34 16.74 3.52
N ILE D 317 -28.19 17.36 3.31
CA ILE D 317 -26.99 16.96 4.04
C ILE D 317 -26.88 17.65 5.39
N GLN D 318 -27.43 18.87 5.51
CA GLN D 318 -27.29 19.63 6.75
C GLN D 318 -27.93 18.89 7.92
N LYS D 319 -28.97 18.10 7.66
CA LYS D 319 -29.64 17.38 8.74
C LYS D 319 -28.73 16.33 9.34
N TYR D 320 -28.10 15.49 8.51
CA TYR D 320 -27.18 14.50 9.03
C TYR D 320 -25.93 15.14 9.64
N LEU D 321 -25.47 16.26 9.06
CA LEU D 321 -24.35 16.97 9.65
C LEU D 321 -24.67 17.43 11.07
N GLU D 322 -25.84 18.04 11.25
CA GLU D 322 -26.26 18.48 12.58
C GLU D 322 -26.42 17.28 13.51
N ARG D 323 -26.93 16.17 12.98
CA ARG D 323 -27.11 14.98 13.81
C ARG D 323 -25.77 14.48 14.35
N ALA D 324 -24.75 14.43 13.49
CA ALA D 324 -23.44 13.97 13.94
C ALA D 324 -22.83 14.93 14.96
N ARG D 325 -22.93 16.24 14.68
CA ARG D 325 -22.46 17.24 15.64
C ARG D 325 -23.10 17.03 17.02
N SER D 326 -24.42 16.80 17.04
CA SER D 326 -25.09 16.59 18.31
C SER D 326 -24.72 15.25 18.94
N THR D 327 -24.42 14.25 18.12
CA THR D 327 -24.13 12.92 18.66
C THR D 327 -22.80 12.89 19.39
N LEU D 328 -21.83 13.68 18.95
CA LEU D 328 -20.50 13.63 19.57
C LEU D 328 -20.52 13.98 21.06
N GLN D 329 -21.38 14.93 21.46
CA GLN D 329 -21.31 15.46 22.81
C GLN D 329 -21.74 14.44 23.86
N GLU D 330 -22.68 13.57 23.53
CA GLU D 330 -23.10 12.55 24.49
C GLU D 330 -21.95 11.60 24.80
N LYS D 331 -21.17 11.22 23.78
CA LYS D 331 -20.01 10.38 24.02
C LYS D 331 -18.97 11.12 24.86
N ALA D 332 -18.81 12.43 24.64
CA ALA D 332 -17.92 13.19 25.51
C ALA D 332 -18.38 13.14 26.97
N LYS D 333 -19.69 13.30 27.19
CA LYS D 333 -20.27 13.18 28.52
C LYS D 333 -19.94 11.83 29.14
N ILE D 334 -20.09 10.77 28.35
CA ILE D 334 -19.84 9.42 28.86
C ILE D 334 -18.38 9.26 29.23
N LYS D 335 -17.48 9.83 28.43
CA LYS D 335 -16.05 9.78 28.74
C LYS D 335 -15.76 10.41 30.09
N ARG D 336 -16.29 11.62 30.33
CA ARG D 336 -15.94 12.25 31.60
C ARG D 336 -16.63 11.57 32.77
N LEU D 337 -17.80 10.96 32.55
CA LEU D 337 -18.43 10.20 33.62
C LEU D 337 -17.57 9.00 34.02
N ALA D 338 -17.07 8.26 33.03
CA ALA D 338 -16.23 7.10 33.35
C ALA D 338 -14.96 7.52 34.08
N LEU D 339 -14.33 8.61 33.63
CA LEU D 339 -13.11 9.07 34.28
C LEU D 339 -13.38 9.50 35.73
N SER D 340 -14.48 10.21 35.96
CA SER D 340 -14.83 10.59 37.33
C SER D 340 -15.05 9.36 38.21
N LEU D 341 -15.71 8.33 37.67
CA LEU D 341 -15.95 7.13 38.45
C LEU D 341 -14.63 6.47 38.86
N ILE D 342 -13.70 6.36 37.91
CA ILE D 342 -12.38 5.83 38.24
C ILE D 342 -11.71 6.66 39.33
N ALA D 343 -11.77 7.98 39.21
CA ALA D 343 -11.11 8.83 40.20
C ALA D 343 -11.70 8.63 41.59
N ILE D 344 -13.03 8.56 41.68
CA ILE D 344 -13.68 8.37 42.97
C ILE D 344 -13.27 7.03 43.58
N VAL D 345 -13.28 5.97 42.76
CA VAL D 345 -12.97 4.66 43.29
C VAL D 345 -11.50 4.57 43.70
N LEU D 346 -10.63 5.40 43.10
CA LEU D 346 -9.26 5.47 43.58
C LEU D 346 -9.21 6.16 44.94
N VAL D 347 -9.76 7.37 45.03
CA VAL D 347 -9.53 8.18 46.23
C VAL D 347 -10.17 7.53 47.44
N CYS D 348 -11.29 6.84 47.25
CA CYS D 348 -12.05 6.39 48.41
C CYS D 348 -11.43 5.18 49.11
N PHE D 349 -10.86 4.23 48.38
CA PHE D 349 -10.59 2.91 48.95
C PHE D 349 -9.15 2.42 48.87
N ALA D 350 -8.26 3.06 48.12
CA ALA D 350 -6.94 2.48 47.90
C ALA D 350 -6.10 2.32 49.16
N PRO D 351 -5.92 3.34 50.00
CA PRO D 351 -4.99 3.18 51.14
C PRO D 351 -5.35 2.04 52.08
N TYR D 352 -6.63 1.87 52.39
CA TYR D 352 -7.00 0.87 53.40
C TYR D 352 -6.71 -0.54 52.91
N HIS D 353 -7.07 -0.83 51.67
CA HIS D 353 -6.82 -2.17 51.14
C HIS D 353 -5.34 -2.41 50.94
N VAL D 354 -4.59 -1.38 50.54
CA VAL D 354 -3.15 -1.51 50.42
C VAL D 354 -2.53 -1.87 51.77
N LEU D 355 -2.95 -1.16 52.82
CA LEU D 355 -2.41 -1.43 54.15
C LEU D 355 -2.80 -2.79 54.66
N LEU D 356 -4.03 -3.23 54.35
CA LEU D 356 -4.43 -4.58 54.75
C LEU D 356 -3.55 -5.62 54.08
N LEU D 357 -3.26 -5.44 52.79
CA LEU D 357 -2.35 -6.34 52.10
C LEU D 357 -0.97 -6.33 52.75
N SER D 358 -0.46 -5.14 53.09
CA SER D 358 0.86 -5.06 53.71
C SER D 358 0.88 -5.78 55.05
N ARG D 359 -0.17 -5.60 55.87
CA ARG D 359 -0.20 -6.25 57.17
C ARG D 359 -0.27 -7.77 57.03
N SER D 360 -1.10 -8.26 56.11
CA SER D 360 -1.18 -9.70 55.88
C SER D 360 0.16 -10.26 55.40
N ALA D 361 0.82 -9.54 54.47
CA ALA D 361 2.09 -10.02 53.94
C ALA D 361 3.16 -10.02 55.02
N ILE D 362 3.16 -9.02 55.90
CA ILE D 362 4.13 -8.99 57.00
C ILE D 362 3.91 -10.16 57.93
N TYR D 363 2.65 -10.44 58.28
CA TYR D 363 2.39 -11.57 59.15
C TYR D 363 2.79 -12.89 58.50
N LEU D 364 2.55 -13.04 57.20
CA LEU D 364 2.82 -14.30 56.53
C LEU D 364 4.30 -14.68 56.55
N GLY D 365 5.19 -13.73 56.82
CA GLY D 365 6.62 -14.02 56.87
C GLY D 365 7.14 -14.22 58.28
N ARG D 366 8.13 -13.40 58.67
CA ARG D 366 8.75 -13.52 59.97
C ARG D 366 8.06 -12.58 60.96
N PRO D 367 7.37 -13.10 61.98
CA PRO D 367 6.68 -12.22 62.94
C PRO D 367 7.57 -11.63 64.00
N TRP D 368 8.88 -11.89 63.95
CA TRP D 368 9.79 -11.32 64.94
C TRP D 368 9.91 -9.81 64.81
N ASP D 369 9.59 -9.26 63.64
CA ASP D 369 9.67 -7.82 63.40
C ASP D 369 8.29 -7.21 63.60
N CYS D 370 7.96 -6.92 64.85
CA CYS D 370 6.71 -6.25 65.17
C CYS D 370 6.80 -4.73 65.02
N GLY D 371 7.97 -4.20 64.71
CA GLY D 371 8.10 -2.77 64.48
C GLY D 371 7.26 -2.28 63.32
N PHE D 372 7.10 -3.11 62.29
CA PHE D 372 6.19 -2.77 61.20
C PHE D 372 4.79 -2.50 61.74
N GLU D 373 4.29 -3.40 62.60
CA GLU D 373 2.95 -3.23 63.13
C GLU D 373 2.89 -2.04 64.08
N GLU D 374 3.97 -1.78 64.83
CA GLU D 374 4.01 -0.59 65.67
C GLU D 374 3.87 0.66 64.83
N ARG D 375 4.51 0.69 63.66
CA ARG D 375 4.43 1.89 62.82
C ARG D 375 3.08 2.00 62.13
N VAL D 376 2.51 0.86 61.70
CA VAL D 376 1.33 0.88 60.83
C VAL D 376 0.03 0.72 61.60
N PHE D 377 0.08 0.63 62.93
CA PHE D 377 -1.12 0.54 63.75
C PHE D 377 -2.08 1.69 63.49
N SER D 378 -1.65 2.90 63.85
CA SER D 378 -2.48 4.07 63.65
C SER D 378 -2.71 4.34 62.18
N ALA D 379 -1.76 3.98 61.32
CA ALA D 379 -1.95 4.14 59.89
C ALA D 379 -3.14 3.33 59.39
N TYR D 380 -3.25 2.07 59.84
CA TYR D 380 -4.30 1.20 59.36
C TYR D 380 -5.65 1.57 59.95
N HIS D 381 -5.68 1.96 61.23
CA HIS D 381 -6.91 2.50 61.78
C HIS D 381 -7.33 3.78 61.05
N SER D 382 -6.38 4.66 60.75
CA SER D 382 -6.70 5.88 60.03
C SER D 382 -7.23 5.57 58.64
N SER D 383 -6.65 4.59 57.96
CA SER D 383 -7.11 4.23 56.64
C SER D 383 -8.54 3.68 56.67
N LEU D 384 -8.80 2.77 57.61
CA LEU D 384 -10.12 2.16 57.66
C LEU D 384 -11.19 3.16 58.10
N ALA D 385 -10.81 4.17 58.88
CA ALA D 385 -11.77 5.22 59.20
C ALA D 385 -11.92 6.22 58.05
N PHE D 386 -10.85 6.45 57.30
CA PHE D 386 -10.89 7.37 56.17
C PHE D 386 -11.86 6.85 55.11
N THR D 387 -11.74 5.58 54.75
CA THR D 387 -12.60 5.08 53.68
C THR D 387 -14.03 4.94 54.16
N SER D 388 -14.69 6.09 54.37
CA SER D 388 -16.11 6.16 54.62
C SER D 388 -16.81 7.17 53.71
N LEU D 389 -16.09 7.74 52.74
CA LEU D 389 -16.60 8.87 51.97
C LEU D 389 -17.33 8.46 50.70
N ASN D 390 -17.55 7.16 50.48
CA ASN D 390 -18.55 6.77 49.49
C ASN D 390 -19.89 7.42 49.80
N CYS D 391 -20.24 7.50 51.08
CA CYS D 391 -21.47 8.15 51.51
C CYS D 391 -21.59 9.56 50.94
N VAL D 392 -20.52 10.34 50.99
CA VAL D 392 -20.57 11.75 50.59
C VAL D 392 -20.22 11.97 49.13
N ALA D 393 -19.56 11.01 48.48
CA ALA D 393 -19.20 11.19 47.08
C ALA D 393 -20.23 10.59 46.13
N ASP D 394 -21.01 9.61 46.58
CA ASP D 394 -21.99 9.00 45.70
C ASP D 394 -23.09 9.95 45.25
N PRO D 395 -23.69 10.77 46.11
CA PRO D 395 -24.69 11.74 45.60
C PRO D 395 -24.11 12.68 44.55
N ILE D 396 -22.83 13.04 44.66
CA ILE D 396 -22.29 14.06 43.76
C ILE D 396 -22.13 13.54 42.33
N LEU D 397 -22.04 12.22 42.14
CA LEU D 397 -21.95 11.72 40.77
C LEU D 397 -23.27 11.83 40.01
N TYR D 398 -24.38 11.99 40.72
CA TYR D 398 -25.67 12.10 40.03
C TYR D 398 -25.75 13.38 39.21
N CYS D 399 -25.04 14.43 39.65
CA CYS D 399 -25.05 15.70 38.93
C CYS D 399 -24.30 15.63 37.62
N LEU D 400 -23.39 14.68 37.46
CA LEU D 400 -22.68 14.53 36.19
C LEU D 400 -23.58 13.86 35.15
N VAL D 401 -24.68 13.27 35.59
CA VAL D 401 -25.80 12.87 34.74
C VAL D 401 -26.94 13.81 35.13
N ASN D 402 -28.12 13.61 34.56
CA ASN D 402 -29.27 14.49 34.79
C ASN D 402 -29.32 15.00 36.23
N GLU D 403 -29.48 16.30 36.37
CA GLU D 403 -29.32 16.98 37.66
C GLU D 403 -30.67 17.23 38.32
N GLY D 404 -30.62 17.74 39.55
CA GLY D 404 -31.83 18.08 40.29
C GLY D 404 -31.82 17.73 41.75
N ALA D 405 -31.13 16.63 42.12
CA ALA D 405 -31.08 16.23 43.53
C ALA D 405 -30.36 17.27 44.37
N ARG D 406 -29.25 17.81 43.87
CA ARG D 406 -28.53 18.87 44.57
C ARG D 406 -28.55 20.16 43.77
#